data_2CV0
#
_entry.id   2CV0
#
_cell.length_a   110.727
_cell.length_b   219.321
_cell.length_c   135.400
_cell.angle_alpha   90.00
_cell.angle_beta   90.00
_cell.angle_gamma   90.00
#
_symmetry.space_group_name_H-M   'C 2 2 21'
#
loop_
_entity.id
_entity.type
_entity.pdbx_description
1 polymer tRNA
2 polymer 'glutamyl-tRNA synthetase'
3 non-polymer 'MAGNESIUM ION'
4 non-polymer 'GLUTAMIC ACID'
5 water water
#
loop_
_entity_poly.entity_id
_entity_poly.type
_entity_poly.pdbx_seq_one_letter_code
_entity_poly.pdbx_strand_id
1 'polyribonucleotide' GGCCCCAUCGUCUAGCGGUUAGGACGCGGCCCUCUCAAGGCCGAAACGGGGGUUCGAUUCCCCCUGGGGUCACCA C,D
2 'polypeptide(L)'
;MVVTRIAPSPTGDPHVGTAYIALFNYAWARRNGGRFIVRIEDTDRARYVPGAEERILAALKWLGLSYDEGPDVGGPHGPY
RQSERLPLYQKYAEELLKRGWAYRAFETPEELEQIRKEKGGYDGRARNIPPEEAEERARRGEPHVIRLKVPRPGTTEVKD
ELRGVVVYDNQEIPDVVLLKSDGYPTYHLANVVDDHLMGVTDVIRAEEWLVSTPIHVLLYRAFGWEAPRFYHMPLLRNPD
KTKISKRKSHTSLDWYKAEGFLPEALRNYLCLMGFSMPDGREIFTLEEFIQAFTWERVSLGGPVFDLEKLRWMNGKYIRE
VLSLEEVAERVKPFLREAGLSWESEAYLRRAVELMRPRFDTLKEFPEKARYLFTEDYPVSEKAQRKLEEGLPLLKELYPR
LRAQEEWTEAALEALLRGFAAEKGVKLGQVAQPLRAALTGSLETPGLFEILALLGKERALRRLERALA
;
A,B
#
loop_
_chem_comp.id
_chem_comp.type
_chem_comp.name
_chem_comp.formula
A RNA linking ADENOSINE-5'-MONOPHOSPHATE 'C10 H14 N5 O7 P'
C RNA linking CYTIDINE-5'-MONOPHOSPHATE 'C9 H14 N3 O8 P'
G RNA linking GUANOSINE-5'-MONOPHOSPHATE 'C10 H14 N5 O8 P'
MG non-polymer 'MAGNESIUM ION' 'Mg 2'
U RNA linking URIDINE-5'-MONOPHOSPHATE 'C9 H13 N2 O9 P'
#
# COMPACT_ATOMS: atom_id res chain seq x y z
N MET C 1 22.38 49.77 34.64
CA MET C 1 23.21 49.85 33.39
C MET C 1 22.42 49.64 32.08
N VAL C 2 22.81 48.61 31.32
CA VAL C 2 22.15 48.31 30.06
C VAL C 2 21.95 46.82 29.84
N VAL C 3 20.69 46.42 29.69
CA VAL C 3 20.34 45.03 29.43
C VAL C 3 19.48 44.94 28.16
N THR C 4 19.94 44.17 27.18
CA THR C 4 19.18 43.99 25.93
C THR C 4 18.81 42.51 25.74
N ARG C 5 17.98 42.20 24.74
CA ARG C 5 17.65 40.82 24.47
C ARG C 5 17.13 40.56 23.08
N ILE C 6 17.22 39.30 22.66
CA ILE C 6 16.68 38.85 21.40
C ILE C 6 15.61 37.86 21.92
N ALA C 7 14.44 37.83 21.30
CA ALA C 7 13.39 36.96 21.80
C ALA C 7 12.70 36.20 20.68
N PRO C 8 13.44 35.28 20.05
CA PRO C 8 12.96 34.44 18.95
C PRO C 8 11.78 33.58 19.33
N SER C 9 10.92 33.35 18.35
CA SER C 9 9.74 32.50 18.51
C SER C 9 10.15 31.23 17.77
N PRO C 10 10.07 30.05 18.42
CA PRO C 10 10.46 28.80 17.77
C PRO C 10 9.35 28.28 16.86
N THR C 11 9.13 28.93 15.72
CA THR C 11 8.05 28.52 14.84
C THR C 11 8.43 28.39 13.38
N GLY C 12 9.68 28.05 13.11
CA GLY C 12 10.16 27.90 11.75
C GLY C 12 11.68 27.84 11.79
N ASP C 13 12.32 27.95 10.63
CA ASP C 13 13.75 27.89 10.57
C ASP C 13 14.41 29.13 11.21
N PRO C 14 15.70 29.03 11.55
CA PRO C 14 16.42 30.17 12.14
C PRO C 14 16.38 31.25 11.05
N HIS C 15 15.79 32.38 11.40
CA HIS C 15 15.54 33.49 10.48
C HIS C 15 16.58 34.59 10.47
N VAL C 16 16.98 34.99 9.28
CA VAL C 16 17.98 36.04 9.12
C VAL C 16 17.55 37.34 9.79
N GLY C 17 16.24 37.57 9.86
CA GLY C 17 15.74 38.77 10.51
C GLY C 17 16.11 38.72 11.97
N THR C 18 16.15 37.51 12.51
CA THR C 18 16.51 37.31 13.91
C THR C 18 17.99 37.61 14.11
N ALA C 19 18.85 37.10 13.22
CA ALA C 19 20.27 37.35 13.38
C ALA C 19 20.54 38.83 13.33
N TYR C 20 19.86 39.47 12.38
CA TYR C 20 20.01 40.89 12.15
C TYR C 20 19.72 41.68 13.41
N ILE C 21 18.55 41.44 14.00
CA ILE C 21 18.18 42.16 15.21
C ILE C 21 19.08 41.74 16.40
N ALA C 22 19.45 40.47 16.46
CA ALA C 22 20.27 39.97 17.55
C ALA C 22 21.64 40.67 17.51
N LEU C 23 22.14 40.90 16.30
CA LEU C 23 23.41 41.55 16.10
C LEU C 23 23.45 42.97 16.72
N PHE C 24 22.38 43.75 16.55
CA PHE C 24 22.39 45.09 17.09
C PHE C 24 22.19 45.13 18.61
N ASN C 25 21.47 44.14 19.11
CA ASN C 25 21.25 44.03 20.55
C ASN C 25 22.54 43.66 21.25
N TYR C 26 23.25 42.72 20.65
CA TYR C 26 24.50 42.27 21.18
C TYR C 26 25.51 43.43 21.19
N ALA C 27 25.58 44.17 20.09
CA ALA C 27 26.53 45.27 20.05
C ALA C 27 26.19 46.35 21.04
N TRP C 28 24.93 46.75 21.14
CA TRP C 28 24.60 47.82 22.07
C TRP C 28 24.88 47.39 23.49
N ALA C 29 24.66 46.12 23.80
CA ALA C 29 24.92 45.68 25.16
C ALA C 29 26.43 45.75 25.45
N ARG C 30 27.27 45.26 24.55
CA ARG C 30 28.70 45.27 24.80
C ARG C 30 29.27 46.66 24.78
N ARG C 31 28.88 47.43 23.77
CA ARG C 31 29.35 48.79 23.67
C ARG C 31 29.17 49.50 25.03
N ASN C 32 28.16 49.10 25.81
CA ASN C 32 27.85 49.70 27.11
C ASN C 32 28.25 48.85 28.31
N GLY C 33 29.01 47.79 28.06
CA GLY C 33 29.40 46.90 29.15
C GLY C 33 28.16 46.37 29.86
N GLY C 34 27.12 46.10 29.10
CA GLY C 34 25.88 45.60 29.67
C GLY C 34 25.67 44.11 29.43
N ARG C 35 24.42 43.69 29.51
CA ARG C 35 24.07 42.28 29.36
C ARG C 35 23.11 42.04 28.19
N PHE C 36 23.35 40.95 27.46
CA PHE C 36 22.57 40.52 26.29
C PHE C 36 21.95 39.13 26.56
N ILE C 37 20.62 39.14 26.69
CA ILE C 37 19.76 37.98 26.99
C ILE C 37 19.05 37.32 25.79
N VAL C 38 18.87 36.00 25.88
CA VAL C 38 18.09 35.28 24.88
C VAL C 38 16.87 34.75 25.65
N ARG C 39 15.66 35.05 25.18
CA ARG C 39 14.44 34.56 25.82
C ARG C 39 13.62 33.86 24.75
N ILE C 40 13.33 32.58 24.93
CA ILE C 40 12.56 31.86 23.92
C ILE C 40 11.10 32.13 24.12
N GLU C 41 10.48 32.67 23.09
CA GLU C 41 9.09 33.07 23.24
C GLU C 41 8.13 32.06 22.62
N ASP C 42 8.00 30.92 23.28
CA ASP C 42 7.16 29.83 22.81
C ASP C 42 5.78 29.79 23.49
N THR C 43 4.96 30.80 23.20
CA THR C 43 3.63 30.91 23.81
C THR C 43 2.48 30.42 22.93
N ASP C 44 2.76 30.12 21.68
CA ASP C 44 1.73 29.66 20.74
C ASP C 44 1.92 28.19 20.35
N ARG C 45 1.21 27.27 21.01
CA ARG C 45 1.36 25.84 20.71
C ARG C 45 0.95 25.43 19.32
N ALA C 46 0.12 26.23 18.66
CA ALA C 46 -0.33 25.95 17.31
C ALA C 46 0.81 26.08 16.28
N ARG C 47 1.58 27.16 16.37
CA ARG C 47 2.65 27.37 15.40
C ARG C 47 3.99 26.81 15.87
N TYR C 48 4.01 26.24 17.06
CA TYR C 48 5.26 25.68 17.59
C TYR C 48 5.85 24.57 16.74
N VAL C 49 7.12 24.73 16.40
CA VAL C 49 7.84 23.76 15.63
C VAL C 49 8.91 23.11 16.52
N PRO C 50 8.70 21.86 16.96
CA PRO C 50 9.69 21.19 17.81
C PRO C 50 11.04 21.15 17.11
N GLY C 51 12.11 21.52 17.82
CA GLY C 51 13.43 21.54 17.23
C GLY C 51 13.86 22.91 16.75
N ALA C 52 12.91 23.84 16.63
CA ALA C 52 13.24 25.18 16.17
C ALA C 52 14.10 25.95 17.17
N GLU C 53 13.81 25.80 18.47
CA GLU C 53 14.56 26.49 19.50
C GLU C 53 16.07 26.20 19.42
N GLU C 54 16.46 24.91 19.45
CA GLU C 54 17.88 24.53 19.36
C GLU C 54 18.52 25.12 18.10
N ARG C 55 17.77 25.11 17.02
CA ARG C 55 18.28 25.60 15.76
C ARG C 55 18.56 27.09 15.78
N ILE C 56 17.68 27.90 16.38
CA ILE C 56 17.96 29.33 16.42
C ILE C 56 19.15 29.61 17.38
N LEU C 57 19.22 28.90 18.51
CA LEU C 57 20.35 29.09 19.45
C LEU C 57 21.67 28.74 18.79
N ALA C 58 21.71 27.64 18.06
CA ALA C 58 22.94 27.25 17.37
C ALA C 58 23.35 28.26 16.30
N ALA C 59 22.36 28.79 15.57
CA ALA C 59 22.63 29.77 14.52
C ALA C 59 23.20 31.09 15.04
N LEU C 60 22.79 31.52 16.23
CA LEU C 60 23.29 32.77 16.83
C LEU C 60 24.75 32.55 17.20
N LYS C 61 25.06 31.37 17.75
CA LYS C 61 26.42 31.05 18.12
C LYS C 61 27.27 30.92 16.85
N TRP C 62 26.72 30.26 15.84
CA TRP C 62 27.40 30.07 14.56
C TRP C 62 27.77 31.44 13.98
N LEU C 63 26.81 32.35 13.98
CA LEU C 63 27.01 33.71 13.46
C LEU C 63 28.07 34.52 14.22
N GLY C 64 28.38 34.08 15.45
CA GLY C 64 29.40 34.73 16.26
C GLY C 64 28.95 35.47 17.52
N LEU C 65 27.66 35.51 17.79
CA LEU C 65 27.17 36.21 18.95
C LEU C 65 27.28 35.30 20.14
N SER C 66 27.33 35.89 21.33
CA SER C 66 27.37 35.15 22.58
C SER C 66 26.33 35.88 23.39
N TYR C 67 25.64 35.17 24.25
CA TYR C 67 24.68 35.83 25.12
C TYR C 67 25.10 35.55 26.56
N ASP C 68 24.71 36.41 27.48
CA ASP C 68 25.09 36.25 28.86
C ASP C 68 24.06 35.50 29.69
N GLU C 69 22.79 35.49 29.27
CA GLU C 69 21.77 34.72 29.97
C GLU C 69 20.87 34.07 28.92
N GLY C 70 20.31 32.89 29.24
CA GLY C 70 19.49 32.19 28.29
C GLY C 70 19.24 30.73 28.61
N PRO C 71 18.40 30.05 27.82
CA PRO C 71 18.04 28.64 28.03
C PRO C 71 19.22 27.70 28.30
N ASP C 72 20.28 27.84 27.53
CA ASP C 72 21.44 26.96 27.65
C ASP C 72 22.70 27.54 28.26
N VAL C 73 22.59 28.67 28.93
CA VAL C 73 23.75 29.25 29.56
C VAL C 73 23.41 29.70 30.98
N GLY C 74 22.18 29.43 31.42
CA GLY C 74 21.75 29.81 32.76
C GLY C 74 21.47 31.30 32.94
N GLY C 75 21.38 31.74 34.20
CA GLY C 75 21.13 33.14 34.50
C GLY C 75 20.21 33.21 35.69
N PRO C 76 20.25 34.29 36.49
CA PRO C 76 19.42 34.48 37.68
C PRO C 76 17.94 34.77 37.50
N HIS C 77 17.50 34.99 36.25
CA HIS C 77 16.09 35.30 36.06
C HIS C 77 15.39 34.29 35.20
N GLY C 78 15.89 33.06 35.18
CA GLY C 78 15.26 32.03 34.36
C GLY C 78 13.94 31.64 34.98
N PRO C 79 13.21 30.72 34.36
CA PRO C 79 13.60 30.06 33.11
C PRO C 79 13.57 31.09 31.99
N TYR C 80 14.25 30.79 30.89
CA TYR C 80 14.33 31.68 29.76
C TYR C 80 13.54 31.21 28.57
N ARG C 81 12.50 30.42 28.85
CA ARG C 81 11.62 29.88 27.83
C ARG C 81 10.23 30.22 28.42
N GLN C 82 9.42 30.96 27.68
CA GLN C 82 8.11 31.36 28.25
C GLN C 82 7.12 30.24 28.55
N SER C 83 7.23 29.08 27.90
CA SER C 83 6.28 28.01 28.19
C SER C 83 6.42 27.53 29.65
N GLU C 84 7.59 27.73 30.25
CA GLU C 84 7.84 27.36 31.64
C GLU C 84 7.55 28.47 32.66
N ARG C 85 6.97 29.56 32.20
CA ARG C 85 6.69 30.69 33.08
C ARG C 85 5.18 30.94 33.23
N LEU C 86 4.37 30.05 32.67
CA LEU C 86 2.92 30.23 32.68
C LEU C 86 2.34 30.75 33.97
N PRO C 87 2.63 30.10 35.10
CA PRO C 87 2.05 30.61 36.35
C PRO C 87 2.34 32.09 36.61
N LEU C 88 3.46 32.57 36.12
CA LEU C 88 3.78 33.97 36.33
C LEU C 88 2.78 34.89 35.59
N TYR C 89 2.57 34.68 34.30
CA TYR C 89 1.66 35.54 33.52
C TYR C 89 0.27 35.48 34.13
N GLN C 90 -0.14 34.26 34.45
CA GLN C 90 -1.41 33.99 35.10
C GLN C 90 -1.57 34.96 36.25
N LYS C 91 -0.57 34.97 37.12
CA LYS C 91 -0.58 35.83 38.30
C LYS C 91 -0.69 37.32 37.94
N TYR C 92 0.14 37.80 37.00
CA TYR C 92 0.10 39.19 36.62
C TYR C 92 -1.22 39.58 35.92
N ALA C 93 -1.81 38.68 35.12
CA ALA C 93 -3.07 38.99 34.47
C ALA C 93 -4.14 39.24 35.54
N GLU C 94 -4.14 38.39 36.56
CA GLU C 94 -5.09 38.54 37.66
C GLU C 94 -4.83 39.84 38.45
N GLU C 95 -3.58 40.25 38.58
CA GLU C 95 -3.28 41.49 39.29
C GLU C 95 -3.83 42.67 38.48
N LEU C 96 -3.82 42.56 37.16
CA LEU C 96 -4.36 43.65 36.34
C LEU C 96 -5.87 43.70 36.57
N LEU C 97 -6.49 42.51 36.72
CA LEU C 97 -7.93 42.37 36.97
C LEU C 97 -8.33 43.15 38.21
N LYS C 98 -7.59 42.93 39.29
CA LYS C 98 -7.84 43.60 40.54
C LYS C 98 -7.59 45.11 40.43
N ARG C 99 -6.52 45.51 39.76
CA ARG C 99 -6.21 46.94 39.61
C ARG C 99 -7.22 47.66 38.73
N GLY C 100 -8.12 46.90 38.12
CA GLY C 100 -9.09 47.51 37.24
C GLY C 100 -8.52 47.82 35.86
N TRP C 101 -7.43 47.16 35.47
CA TRP C 101 -6.82 47.41 34.17
C TRP C 101 -7.04 46.34 33.10
N ALA C 102 -7.86 45.35 33.41
CA ALA C 102 -8.16 44.26 32.49
C ALA C 102 -9.52 43.71 32.85
N TYR C 103 -10.08 42.89 31.98
CA TYR C 103 -11.39 42.33 32.28
C TYR C 103 -11.51 41.02 31.58
N ARG C 104 -12.36 40.15 32.09
CA ARG C 104 -12.59 38.85 31.50
C ARG C 104 -13.60 38.99 30.37
N ALA C 105 -13.40 38.24 29.31
CA ALA C 105 -14.27 38.28 28.15
C ALA C 105 -14.53 36.82 27.71
N PHE C 106 -15.80 36.46 27.53
CA PHE C 106 -16.14 35.09 27.21
C PHE C 106 -16.59 34.77 25.81
N GLU C 107 -16.48 35.71 24.88
CA GLU C 107 -16.94 35.41 23.52
C GLU C 107 -16.17 34.25 22.88
N THR C 108 -16.89 33.44 22.11
CA THR C 108 -16.29 32.34 21.36
C THR C 108 -15.54 32.96 20.18
N PRO C 109 -14.58 32.22 19.60
CA PRO C 109 -13.86 32.81 18.47
C PRO C 109 -14.85 33.17 17.36
N GLU C 110 -15.92 32.38 17.24
CA GLU C 110 -16.93 32.65 16.20
C GLU C 110 -17.64 33.98 16.42
N GLU C 111 -18.07 34.25 17.65
CA GLU C 111 -18.74 35.52 17.91
C GLU C 111 -17.79 36.66 17.57
N LEU C 112 -16.53 36.54 18.00
CA LEU C 112 -15.55 37.59 17.73
C LEU C 112 -15.44 37.92 16.25
N GLU C 113 -15.42 36.90 15.42
CA GLU C 113 -15.30 37.08 13.98
C GLU C 113 -16.48 37.89 13.50
N GLN C 114 -17.65 37.53 14.00
CA GLN C 114 -18.88 38.22 13.64
C GLN C 114 -18.80 39.69 14.10
N ILE C 115 -18.33 39.91 15.32
CA ILE C 115 -18.19 41.27 15.86
C ILE C 115 -17.24 42.06 14.97
N ARG C 116 -16.16 41.40 14.57
CA ARG C 116 -15.15 42.03 13.74
C ARG C 116 -15.75 42.39 12.36
N LYS C 117 -16.59 41.51 11.83
CA LYS C 117 -17.23 41.76 10.54
C LYS C 117 -18.20 42.93 10.60
N GLU C 118 -18.87 43.10 11.75
CA GLU C 118 -19.83 44.18 11.88
C GLU C 118 -19.25 45.52 12.30
N LYS C 119 -18.17 45.50 13.08
CA LYS C 119 -17.56 46.73 13.56
C LYS C 119 -16.05 46.81 13.32
N GLY C 120 -15.50 45.80 12.65
CA GLY C 120 -14.08 45.79 12.36
C GLY C 120 -13.14 45.83 13.57
N GLY C 121 -13.38 44.96 14.55
CA GLY C 121 -12.52 44.93 15.72
C GLY C 121 -13.39 44.71 16.94
N TYR C 122 -12.86 44.15 18.02
CA TYR C 122 -13.68 43.93 19.21
C TYR C 122 -14.15 45.28 19.78
N ASP C 123 -15.41 45.31 20.21
CA ASP C 123 -16.00 46.56 20.73
C ASP C 123 -15.97 46.69 22.25
N GLY C 124 -15.18 45.85 22.90
CA GLY C 124 -15.07 45.90 24.35
C GLY C 124 -16.36 45.64 25.09
N ARG C 125 -17.29 44.92 24.45
CA ARG C 125 -18.59 44.62 25.06
C ARG C 125 -18.51 43.93 26.42
N ALA C 126 -17.48 43.15 26.68
CA ALA C 126 -17.38 42.45 27.97
C ALA C 126 -17.06 43.36 29.15
N ARG C 127 -16.69 44.60 28.86
CA ARG C 127 -16.37 45.52 29.95
C ARG C 127 -17.62 45.73 30.80
N ASN C 128 -18.77 45.53 30.17
CA ASN C 128 -20.06 45.71 30.83
C ASN C 128 -20.52 44.52 31.65
N ILE C 129 -19.75 43.44 31.68
CA ILE C 129 -20.16 42.32 32.50
C ILE C 129 -19.81 42.67 33.96
N PRO C 130 -20.78 42.54 34.88
CA PRO C 130 -20.48 42.85 36.28
C PRO C 130 -19.28 42.04 36.76
N PRO C 131 -18.29 42.71 37.37
CA PRO C 131 -17.08 42.03 37.87
C PRO C 131 -17.36 40.77 38.70
N GLU C 132 -18.31 40.86 39.63
CA GLU C 132 -18.61 39.68 40.44
C GLU C 132 -19.16 38.55 39.60
N GLU C 133 -19.90 38.87 38.54
CA GLU C 133 -20.46 37.84 37.67
C GLU C 133 -19.35 37.24 36.83
N ALA C 134 -18.43 38.09 36.38
CA ALA C 134 -17.31 37.59 35.56
C ALA C 134 -16.53 36.60 36.40
N GLU C 135 -16.31 36.97 37.66
CA GLU C 135 -15.57 36.14 38.60
C GLU C 135 -16.25 34.80 38.82
N GLU C 136 -17.58 34.83 38.93
CA GLU C 136 -18.33 33.61 39.16
C GLU C 136 -18.26 32.73 37.92
N ARG C 137 -18.44 33.32 36.74
CA ARG C 137 -18.38 32.53 35.52
C ARG C 137 -17.01 31.89 35.35
N ALA C 138 -15.99 32.54 35.92
CA ALA C 138 -14.63 32.01 35.85
C ALA C 138 -14.51 30.80 36.77
N ARG C 139 -14.99 30.94 38.00
CA ARG C 139 -14.94 29.85 38.97
C ARG C 139 -15.69 28.61 38.47
N ARG C 140 -16.75 28.81 37.70
CA ARG C 140 -17.50 27.68 37.18
C ARG C 140 -16.78 27.03 36.01
N GLY C 141 -15.64 27.59 35.64
CA GLY C 141 -14.86 27.02 34.56
C GLY C 141 -15.20 27.45 33.15
N GLU C 142 -16.07 28.43 33.02
CA GLU C 142 -16.45 28.90 31.70
C GLU C 142 -15.19 29.44 31.00
N PRO C 143 -14.87 28.90 29.82
CA PRO C 143 -13.68 29.37 29.12
C PRO C 143 -13.74 30.87 28.80
N HIS C 144 -12.59 31.53 28.93
CA HIS C 144 -12.52 32.97 28.67
C HIS C 144 -11.09 33.45 28.48
N VAL C 145 -10.96 34.73 28.12
CA VAL C 145 -9.64 35.32 27.98
C VAL C 145 -9.66 36.55 28.87
N ILE C 146 -8.49 37.12 29.13
CA ILE C 146 -8.41 38.34 29.89
C ILE C 146 -7.87 39.40 28.93
N ARG C 147 -8.54 40.55 28.88
CA ARG C 147 -8.14 41.60 27.97
C ARG C 147 -7.64 42.87 28.67
N LEU C 148 -6.83 43.63 27.94
CA LEU C 148 -6.30 44.88 28.44
C LEU C 148 -7.48 45.84 28.44
N LYS C 149 -7.69 46.56 29.53
CA LYS C 149 -8.79 47.52 29.57
C LYS C 149 -8.21 48.91 29.26
N VAL C 150 -8.15 49.24 27.97
CA VAL C 150 -7.61 50.51 27.58
C VAL C 150 -8.41 51.67 28.13
N PRO C 151 -7.73 52.71 28.61
CA PRO C 151 -8.32 53.92 29.17
C PRO C 151 -8.97 54.71 28.04
N ARG C 152 -10.29 54.75 27.99
CA ARG C 152 -10.97 55.49 26.94
C ARG C 152 -11.85 56.58 27.58
N PRO C 153 -11.87 57.80 27.00
CA PRO C 153 -11.12 58.20 25.79
C PRO C 153 -9.71 58.49 26.28
N GLY C 154 -8.79 58.75 25.35
CA GLY C 154 -7.44 59.03 25.77
C GLY C 154 -6.35 59.12 24.73
N THR C 155 -5.14 59.35 25.23
CA THR C 155 -4.00 59.52 24.36
C THR C 155 -2.77 58.83 24.98
N THR C 156 -1.92 58.23 24.14
CA THR C 156 -0.77 57.50 24.67
C THR C 156 0.50 57.83 23.93
N GLU C 157 1.47 58.34 24.67
CA GLU C 157 2.74 58.73 24.09
C GLU C 157 3.77 57.61 24.07
N VAL C 158 4.36 57.35 22.91
CA VAL C 158 5.40 56.35 22.80
C VAL C 158 6.63 57.06 22.29
N LYS C 159 7.77 56.75 22.90
CA LYS C 159 8.99 57.36 22.50
C LYS C 159 9.95 56.36 21.94
N ASP C 160 10.30 56.53 20.67
CA ASP C 160 11.26 55.67 19.99
C ASP C 160 12.54 56.51 19.93
N GLU C 161 13.64 55.99 20.47
CA GLU C 161 14.89 56.72 20.50
C GLU C 161 15.44 57.19 19.17
N LEU C 162 14.99 56.60 18.06
CA LEU C 162 15.51 56.98 16.75
C LEU C 162 14.58 57.84 15.91
N ARG C 163 13.28 57.83 16.22
CA ARG C 163 12.31 58.58 15.44
C ARG C 163 11.65 59.74 16.19
N GLY C 164 11.71 59.71 17.52
CA GLY C 164 11.10 60.77 18.30
C GLY C 164 9.83 60.28 18.97
N VAL C 165 8.99 61.21 19.39
CA VAL C 165 7.75 60.86 20.05
C VAL C 165 6.60 60.68 19.08
N VAL C 166 5.74 59.70 19.33
CA VAL C 166 4.56 59.49 18.50
C VAL C 166 3.41 59.44 19.48
N VAL C 167 2.34 60.15 19.16
CA VAL C 167 1.20 60.19 20.04
C VAL C 167 0.00 59.49 19.47
N TYR C 168 -0.28 58.31 20.00
CA TYR C 168 -1.41 57.54 19.56
C TYR C 168 -2.67 57.98 20.23
N ASP C 169 -3.75 57.84 19.50
CA ASP C 169 -5.04 58.16 20.05
C ASP C 169 -5.45 56.79 20.60
N ASN C 170 -5.95 56.75 21.83
CA ASN C 170 -6.31 55.48 22.36
C ASN C 170 -7.35 54.76 21.52
N GLN C 171 -8.13 55.47 20.74
CA GLN C 171 -9.11 54.78 19.91
C GLN C 171 -8.39 53.85 18.92
N GLU C 172 -7.11 54.11 18.69
CA GLU C 172 -6.34 53.26 17.76
C GLU C 172 -5.76 52.04 18.49
N ILE C 173 -5.92 51.98 19.81
CA ILE C 173 -5.35 50.87 20.59
C ILE C 173 -6.43 49.90 21.02
N PRO C 174 -6.34 48.67 20.56
CA PRO C 174 -7.39 47.74 20.97
C PRO C 174 -7.27 47.20 22.42
N ASP C 175 -8.37 46.66 22.90
CA ASP C 175 -8.49 46.01 24.20
C ASP C 175 -7.94 44.59 23.94
N VAL C 176 -6.63 44.49 23.75
CA VAL C 176 -5.97 43.24 23.42
C VAL C 176 -6.02 42.12 24.46
N VAL C 177 -6.10 40.91 23.95
CA VAL C 177 -6.09 39.71 24.78
C VAL C 177 -4.71 39.62 25.42
N LEU C 178 -4.68 39.42 26.73
CA LEU C 178 -3.43 39.29 27.45
C LEU C 178 -3.22 37.83 27.86
N LEU C 179 -4.31 37.15 28.21
CA LEU C 179 -4.25 35.73 28.62
C LEU C 179 -5.31 34.97 27.83
N LYS C 180 -4.86 33.96 27.06
CA LYS C 180 -5.75 33.19 26.22
C LYS C 180 -6.55 32.20 27.07
N SER C 181 -7.59 31.60 26.47
CA SER C 181 -8.44 30.67 27.22
C SER C 181 -7.76 29.34 27.57
N ASP C 182 -6.62 29.08 26.96
CA ASP C 182 -5.88 27.87 27.27
C ASP C 182 -4.91 28.22 28.38
N GLY C 183 -5.00 29.44 28.90
CA GLY C 183 -4.11 29.86 29.98
C GLY C 183 -2.70 30.28 29.58
N TYR C 184 -2.48 30.43 28.30
CA TYR C 184 -1.18 30.88 27.82
C TYR C 184 -1.31 32.37 27.62
N PRO C 185 -0.22 33.12 27.84
CA PRO C 185 -0.32 34.57 27.65
C PRO C 185 -0.18 34.89 26.17
N THR C 186 -0.59 36.09 25.74
CA THR C 186 -0.31 36.46 24.36
C THR C 186 1.05 37.13 24.47
N TYR C 187 1.67 37.35 23.32
CA TYR C 187 2.95 38.03 23.23
C TYR C 187 2.99 39.36 24.03
N HIS C 188 1.92 40.17 23.94
CA HIS C 188 1.88 41.45 24.65
C HIS C 188 2.06 41.33 26.14
N LEU C 189 1.38 40.37 26.75
CA LEU C 189 1.51 40.20 28.19
C LEU C 189 2.92 39.72 28.59
N ALA C 190 3.35 38.61 27.99
CA ALA C 190 4.64 38.03 28.37
C ALA C 190 5.85 38.92 28.15
N ASN C 191 5.89 39.60 27.02
CA ASN C 191 6.98 40.46 26.64
C ASN C 191 7.24 41.53 27.72
N VAL C 192 6.17 42.16 28.21
CA VAL C 192 6.31 43.20 29.21
C VAL C 192 6.69 42.65 30.57
N VAL C 193 6.04 41.55 30.94
CA VAL C 193 6.33 40.90 32.25
C VAL C 193 7.79 40.42 32.29
N ASP C 194 8.23 39.71 31.26
CA ASP C 194 9.60 39.25 31.25
C ASP C 194 10.68 40.29 31.02
N ASP C 195 10.45 41.29 30.18
CA ASP C 195 11.50 42.29 30.00
C ASP C 195 11.70 42.96 31.36
N HIS C 196 10.61 43.17 32.07
CA HIS C 196 10.70 43.80 33.39
C HIS C 196 11.48 42.99 34.44
N LEU C 197 11.07 41.73 34.62
CA LEU C 197 11.64 40.80 35.57
C LEU C 197 13.08 40.43 35.20
N MET C 198 13.40 40.41 33.91
CA MET C 198 14.75 40.09 33.49
C MET C 198 15.57 41.38 33.44
N GLY C 199 14.94 42.49 33.82
CA GLY C 199 15.58 43.79 33.85
C GLY C 199 16.00 44.45 32.55
N VAL C 200 15.37 44.16 31.41
CA VAL C 200 15.83 44.82 30.18
C VAL C 200 15.61 46.34 30.18
N THR C 201 16.59 47.07 29.69
CA THR C 201 16.43 48.50 29.74
C THR C 201 16.36 49.06 28.35
N ASP C 202 16.76 48.24 27.39
CA ASP C 202 16.79 48.65 26.00
C ASP C 202 16.19 47.61 25.05
N VAL C 203 15.00 47.94 24.54
CA VAL C 203 14.33 47.07 23.59
C VAL C 203 14.65 47.49 22.16
N ILE C 204 15.49 46.71 21.47
CA ILE C 204 15.85 47.00 20.09
C ILE C 204 15.15 45.88 19.34
N ARG C 205 14.26 46.24 18.44
CA ARG C 205 13.51 45.24 17.72
C ARG C 205 13.09 45.79 16.34
N ALA C 206 12.51 44.93 15.51
CA ALA C 206 12.14 45.32 14.18
C ALA C 206 10.92 46.22 14.20
N GLU C 207 10.93 47.15 13.25
CA GLU C 207 9.88 48.14 13.06
C GLU C 207 8.48 47.49 13.06
N GLU C 208 8.35 46.25 12.62
CA GLU C 208 7.01 45.63 12.62
C GLU C 208 6.32 45.70 13.99
N TRP C 209 7.08 45.97 15.06
CA TRP C 209 6.53 46.06 16.42
C TRP C 209 6.20 47.50 16.89
N LEU C 210 6.55 48.50 16.08
CA LEU C 210 6.32 49.90 16.46
C LEU C 210 4.92 50.23 16.92
N VAL C 211 3.91 49.88 16.13
CA VAL C 211 2.53 50.18 16.51
C VAL C 211 2.04 49.36 17.69
N SER C 212 2.71 48.27 17.99
CA SER C 212 2.24 47.52 19.13
C SER C 212 2.87 48.13 20.41
N THR C 213 3.88 49.01 20.24
CA THR C 213 4.51 49.62 21.40
C THR C 213 3.57 50.37 22.35
N PRO C 214 2.56 51.12 21.82
CA PRO C 214 1.68 51.81 22.76
C PRO C 214 0.92 50.80 23.65
N ILE C 215 0.67 49.58 23.17
CA ILE C 215 0.01 48.59 24.04
C ILE C 215 0.97 48.27 25.23
N HIS C 216 2.27 48.16 24.94
CA HIS C 216 3.25 47.90 25.99
C HIS C 216 3.48 49.05 26.99
N VAL C 217 3.45 50.28 26.48
CA VAL C 217 3.57 51.45 27.35
C VAL C 217 2.45 51.44 28.40
N LEU C 218 1.26 51.08 27.95
CA LEU C 218 0.10 51.03 28.84
C LEU C 218 0.23 49.93 29.90
N LEU C 219 0.73 48.75 29.50
CA LEU C 219 0.89 47.65 30.44
C LEU C 219 1.91 48.05 31.50
N TYR C 220 3.02 48.67 31.07
CA TYR C 220 4.02 49.14 32.03
C TYR C 220 3.37 50.10 33.00
N ARG C 221 2.52 50.97 32.48
CA ARG C 221 1.83 51.92 33.34
C ARG C 221 0.92 51.15 34.32
N ALA C 222 0.12 50.25 33.77
CA ALA C 222 -0.83 49.45 34.55
C ALA C 222 -0.17 48.74 35.72
N PHE C 223 1.02 48.21 35.52
CA PHE C 223 1.74 47.51 36.60
C PHE C 223 2.48 48.48 37.49
N GLY C 224 2.57 49.74 37.05
CA GLY C 224 3.31 50.74 37.80
C GLY C 224 4.82 50.57 37.66
N TRP C 225 5.28 50.15 36.48
CA TRP C 225 6.71 49.95 36.24
C TRP C 225 7.26 51.02 35.31
N GLU C 226 8.57 51.14 35.26
CA GLU C 226 9.23 52.11 34.41
C GLU C 226 9.46 51.47 33.03
N ALA C 227 9.00 52.14 31.98
CA ALA C 227 9.16 51.65 30.63
C ALA C 227 10.61 51.69 30.17
N PRO C 228 11.03 50.73 29.36
CA PRO C 228 12.42 50.75 28.89
C PRO C 228 12.50 51.69 27.67
N ARG C 229 13.70 51.84 27.12
CA ARG C 229 13.85 52.65 25.91
C ARG C 229 13.54 51.71 24.77
N PHE C 230 12.97 52.28 23.72
CA PHE C 230 12.60 51.55 22.52
C PHE C 230 13.37 52.04 21.29
N TYR C 231 13.92 51.10 20.52
CA TYR C 231 14.63 51.43 19.29
C TYR C 231 14.11 50.46 18.26
N HIS C 232 13.43 50.97 17.25
CA HIS C 232 12.91 50.09 16.22
C HIS C 232 13.76 50.14 14.95
N MET C 233 14.28 48.98 14.59
CA MET C 233 15.12 48.86 13.42
C MET C 233 14.25 48.61 12.18
N PRO C 234 14.68 49.14 11.03
CA PRO C 234 13.91 48.94 9.81
C PRO C 234 13.88 47.45 9.41
N LEU C 235 12.81 47.00 8.78
CA LEU C 235 12.73 45.61 8.38
C LEU C 235 13.62 45.35 7.19
N LEU C 236 14.17 44.13 7.16
CA LEU C 236 15.01 43.67 6.06
C LEU C 236 13.96 43.43 4.96
N ARG C 237 14.30 43.75 3.71
CA ARG C 237 13.34 43.62 2.63
C ARG C 237 13.71 42.68 1.49
N ASN C 238 12.66 42.15 0.85
CA ASN C 238 12.78 41.29 -0.33
C ASN C 238 13.17 42.29 -1.42
N PRO C 239 13.56 41.79 -2.58
CA PRO C 239 13.93 42.74 -3.64
C PRO C 239 12.80 43.71 -4.02
N ASP C 240 11.54 43.29 -3.87
CA ASP C 240 10.43 44.20 -4.22
C ASP C 240 10.10 45.19 -3.13
N LYS C 241 10.95 45.27 -2.10
CA LYS C 241 10.79 46.18 -0.97
C LYS C 241 9.82 45.72 0.12
N THR C 242 9.17 44.58 -0.06
CA THR C 242 8.28 44.11 0.98
C THR C 242 9.16 43.43 2.03
N LYS C 243 8.64 43.24 3.24
CA LYS C 243 9.47 42.63 4.26
C LYS C 243 9.92 41.27 3.81
N ILE C 244 11.23 41.06 3.93
CA ILE C 244 11.86 39.84 3.51
C ILE C 244 10.98 38.65 3.89
N SER C 245 10.74 37.76 2.93
CA SER C 245 9.89 36.61 3.20
C SER C 245 10.44 35.38 2.52
N LYS C 246 10.07 34.21 3.06
CA LYS C 246 10.53 32.92 2.55
C LYS C 246 10.31 32.64 1.06
N ARG C 247 9.31 33.26 0.45
CA ARG C 247 9.05 33.03 -0.98
C ARG C 247 9.73 33.95 -1.98
N LYS C 248 10.18 35.12 -1.54
CA LYS C 248 10.84 36.06 -2.43
C LYS C 248 12.32 36.15 -2.15
N SER C 249 12.71 35.58 -1.02
CA SER C 249 14.12 35.58 -0.59
C SER C 249 14.44 34.36 0.25
N HIS C 250 15.73 34.20 0.52
CA HIS C 250 16.23 33.13 1.38
C HIS C 250 16.29 33.69 2.79
N THR C 251 15.40 33.27 3.68
CA THR C 251 15.42 33.81 5.02
C THR C 251 15.95 32.84 6.07
N SER C 252 16.30 31.62 5.67
CA SER C 252 16.81 30.63 6.61
C SER C 252 18.34 30.67 6.80
N LEU C 253 18.78 30.80 8.04
CA LEU C 253 20.20 30.82 8.32
C LEU C 253 20.81 29.49 7.94
N ASP C 254 20.00 28.44 7.99
CA ASP C 254 20.49 27.12 7.63
C ASP C 254 20.80 27.06 6.15
N TRP C 255 20.02 27.78 5.35
CA TRP C 255 20.27 27.80 3.92
C TRP C 255 21.65 28.44 3.68
N TYR C 256 21.89 29.61 4.26
CA TYR C 256 23.15 30.29 4.09
C TYR C 256 24.40 29.46 4.47
N LYS C 257 24.29 28.72 5.57
CA LYS C 257 25.38 27.89 6.03
C LYS C 257 25.54 26.73 5.07
N ALA C 258 24.42 26.13 4.65
CA ALA C 258 24.45 25.01 3.70
C ALA C 258 25.09 25.43 2.39
N GLU C 259 24.84 26.67 1.98
CA GLU C 259 25.39 27.17 0.73
C GLU C 259 26.84 27.59 0.78
N GLY C 260 27.46 27.47 1.97
CA GLY C 260 28.86 27.82 2.10
C GLY C 260 29.18 29.31 2.28
N PHE C 261 28.31 30.05 2.95
CA PHE C 261 28.58 31.44 3.23
C PHE C 261 29.24 31.35 4.60
N LEU C 262 30.30 32.12 4.82
CA LEU C 262 31.02 32.12 6.10
C LEU C 262 30.20 32.95 7.07
N PRO C 263 30.08 32.51 8.33
CA PRO C 263 29.30 33.30 9.31
C PRO C 263 29.85 34.71 9.48
N GLU C 264 31.17 34.85 9.38
CA GLU C 264 31.82 36.16 9.55
C GLU C 264 31.39 37.14 8.47
N ALA C 265 31.26 36.62 7.25
CA ALA C 265 30.87 37.44 6.13
C ALA C 265 29.38 37.79 6.25
N LEU C 266 28.53 36.80 6.52
CA LEU C 266 27.10 37.07 6.65
C LEU C 266 26.89 38.10 7.73
N ARG C 267 27.62 37.96 8.83
CA ARG C 267 27.52 38.90 9.94
C ARG C 267 27.99 40.29 9.57
N ASN C 268 29.06 40.35 8.77
CA ASN C 268 29.59 41.65 8.34
C ASN C 268 28.57 42.31 7.40
N TYR C 269 27.87 41.51 6.61
CA TYR C 269 26.91 42.08 5.69
C TYR C 269 25.69 42.62 6.45
N LEU C 270 25.23 41.85 7.42
CA LEU C 270 24.07 42.28 8.18
C LEU C 270 24.32 43.63 8.88
N CYS C 271 25.56 43.87 9.32
CA CYS C 271 25.87 45.13 9.99
C CYS C 271 25.64 46.30 9.04
N LEU C 272 25.80 46.04 7.75
CA LEU C 272 25.64 47.06 6.73
C LEU C 272 24.18 47.33 6.40
N MET C 273 23.29 46.55 7.00
CA MET C 273 21.87 46.75 6.79
C MET C 273 21.41 47.74 7.87
N GLY C 274 21.73 49.00 7.69
CA GLY C 274 21.29 49.99 8.66
C GLY C 274 22.40 50.71 9.38
N PHE C 275 23.63 50.23 9.24
CA PHE C 275 24.77 50.86 9.88
C PHE C 275 25.94 51.04 8.92
N SER C 276 26.81 52.01 9.23
CA SER C 276 28.01 52.22 8.42
C SER C 276 29.13 52.82 9.25
N MET C 277 30.37 52.44 8.93
CA MET C 277 31.53 52.96 9.63
C MET C 277 31.73 54.42 9.19
N PRO C 278 32.26 55.27 10.10
CA PRO C 278 32.50 56.70 9.82
C PRO C 278 33.36 56.88 8.58
N ASP C 279 34.43 56.10 8.50
CA ASP C 279 35.38 56.16 7.39
C ASP C 279 34.92 55.40 6.16
N GLY C 280 33.68 54.94 6.16
CA GLY C 280 33.13 54.24 5.01
C GLY C 280 33.64 52.84 4.70
N ARG C 281 34.54 52.30 5.51
CA ARG C 281 35.07 50.96 5.30
C ARG C 281 33.93 49.93 5.37
N GLU C 282 33.99 48.88 4.55
CA GLU C 282 32.92 47.89 4.54
C GLU C 282 33.27 46.53 5.14
N ILE C 283 34.56 46.21 5.19
CA ILE C 283 34.99 44.95 5.75
C ILE C 283 35.56 45.24 7.13
N PHE C 284 34.93 44.66 8.15
CA PHE C 284 35.40 44.85 9.50
C PHE C 284 34.94 43.71 10.38
N THR C 285 35.62 43.53 11.51
CA THR C 285 35.32 42.47 12.44
C THR C 285 34.09 42.74 13.36
N LEU C 286 33.64 41.70 14.04
CA LEU C 286 32.54 41.79 14.96
C LEU C 286 32.97 42.75 16.06
N GLU C 287 34.20 42.57 16.52
CA GLU C 287 34.73 43.40 17.59
C GLU C 287 34.81 44.88 17.21
N GLU C 288 35.25 45.18 16.00
CA GLU C 288 35.35 46.58 15.56
C GLU C 288 33.96 47.25 15.48
N PHE C 289 32.99 46.50 15.00
CA PHE C 289 31.63 46.97 14.86
C PHE C 289 31.10 47.40 16.22
N ILE C 290 31.31 46.57 17.24
CA ILE C 290 30.87 46.88 18.60
C ILE C 290 31.42 48.22 19.04
N GLN C 291 32.73 48.35 18.91
CA GLN C 291 33.43 49.56 19.31
C GLN C 291 33.03 50.82 18.55
N ALA C 292 32.57 50.69 17.32
CA ALA C 292 32.20 51.88 16.59
C ALA C 292 30.71 52.15 16.57
N PHE C 293 29.91 51.20 17.07
CA PHE C 293 28.46 51.40 17.03
C PHE C 293 27.92 52.67 17.70
N THR C 294 26.94 53.29 17.07
CA THR C 294 26.32 54.51 17.59
C THR C 294 25.02 54.58 16.88
N TRP C 295 23.95 54.95 17.58
CA TRP C 295 22.64 55.08 16.96
C TRP C 295 22.65 56.25 15.98
N GLU C 296 23.60 57.16 16.13
CA GLU C 296 23.71 58.34 15.27
C GLU C 296 24.04 57.89 13.86
N ARG C 297 24.58 56.68 13.74
CA ARG C 297 24.94 56.15 12.43
C ARG C 297 24.02 55.05 11.91
N VAL C 298 22.82 54.97 12.44
CA VAL C 298 21.86 53.95 11.97
C VAL C 298 20.87 54.63 11.04
N SER C 299 20.73 54.13 9.80
CA SER C 299 19.80 54.76 8.87
C SER C 299 18.45 54.05 8.93
N LEU C 300 17.35 54.78 8.75
CA LEU C 300 16.04 54.17 8.88
C LEU C 300 15.28 53.60 7.66
N GLY C 301 15.90 53.62 6.50
CA GLY C 301 15.23 53.05 5.34
C GLY C 301 15.28 51.54 5.37
N GLY C 302 14.24 50.89 4.82
CA GLY C 302 14.21 49.43 4.78
C GLY C 302 15.18 48.89 3.74
N PRO C 303 16.29 48.26 4.16
CA PRO C 303 17.29 47.72 3.24
C PRO C 303 16.93 46.44 2.46
N VAL C 304 17.16 46.48 1.16
CA VAL C 304 16.91 45.32 0.34
C VAL C 304 18.08 44.40 0.61
N PHE C 305 17.80 43.14 0.89
CA PHE C 305 18.87 42.19 1.13
C PHE C 305 19.29 41.74 -0.25
N ASP C 306 20.53 42.10 -0.63
CA ASP C 306 21.17 41.81 -1.92
C ASP C 306 22.12 40.57 -1.90
N LEU C 307 21.66 39.44 -2.40
CA LEU C 307 22.45 38.23 -2.40
C LEU C 307 23.77 38.40 -3.11
N GLU C 308 23.74 39.16 -4.19
CA GLU C 308 24.95 39.37 -4.95
C GLU C 308 26.03 40.06 -4.12
N LYS C 309 25.65 41.09 -3.35
CA LYS C 309 26.65 41.76 -2.57
C LYS C 309 27.15 40.88 -1.45
N LEU C 310 26.29 40.00 -0.95
CA LEU C 310 26.67 39.08 0.11
C LEU C 310 27.73 38.13 -0.49
N ARG C 311 27.48 37.61 -1.70
CA ARG C 311 28.46 36.73 -2.32
C ARG C 311 29.77 37.47 -2.50
N TRP C 312 29.71 38.69 -3.01
CA TRP C 312 30.95 39.46 -3.20
C TRP C 312 31.73 39.47 -1.89
N MET C 313 31.02 39.81 -0.83
CA MET C 313 31.65 39.90 0.47
C MET C 313 32.21 38.53 0.91
N ASN C 314 31.46 37.47 0.69
CA ASN C 314 31.92 36.15 1.11
C ASN C 314 33.23 35.85 0.41
N GLY C 315 33.30 36.17 -0.88
CA GLY C 315 34.52 35.94 -1.65
C GLY C 315 35.62 36.81 -1.06
N LYS C 316 35.28 38.04 -0.66
CA LYS C 316 36.25 38.95 -0.08
C LYS C 316 36.84 38.37 1.24
N TYR C 317 36.03 37.69 2.05
CA TYR C 317 36.54 37.12 3.31
C TYR C 317 37.43 35.96 2.98
N ILE C 318 37.00 35.14 2.03
CA ILE C 318 37.74 33.98 1.61
C ILE C 318 39.13 34.35 1.08
N ARG C 319 39.22 35.46 0.38
CA ARG C 319 40.51 35.79 -0.17
C ARG C 319 41.36 36.81 0.61
N GLU C 320 40.74 37.65 1.43
CA GLU C 320 41.49 38.67 2.18
C GLU C 320 41.41 38.67 3.69
N VAL C 321 40.44 38.00 4.29
CA VAL C 321 40.32 38.04 5.74
C VAL C 321 40.77 36.78 6.46
N LEU C 322 40.32 35.63 6.00
CA LEU C 322 40.70 34.38 6.57
C LEU C 322 42.08 34.05 6.01
N SER C 323 42.81 33.20 6.72
CA SER C 323 44.11 32.74 6.28
C SER C 323 43.86 31.54 5.34
N LEU C 324 44.90 31.16 4.62
CA LEU C 324 44.85 30.03 3.70
C LEU C 324 44.39 28.76 4.43
N GLU C 325 44.99 28.54 5.59
CA GLU C 325 44.70 27.37 6.38
C GLU C 325 43.25 27.36 6.88
N GLU C 326 42.73 28.52 7.25
CA GLU C 326 41.34 28.57 7.72
C GLU C 326 40.41 28.22 6.58
N VAL C 327 40.71 28.70 5.37
CA VAL C 327 39.83 28.38 4.25
C VAL C 327 39.88 26.88 3.95
N ALA C 328 41.07 26.30 4.06
CA ALA C 328 41.20 24.87 3.81
C ALA C 328 40.40 24.05 4.82
N GLU C 329 40.41 24.47 6.08
CA GLU C 329 39.66 23.73 7.07
C GLU C 329 38.15 23.77 6.78
N ARG C 330 37.64 24.97 6.47
CA ARG C 330 36.21 25.18 6.22
C ARG C 330 35.69 24.57 4.94
N VAL C 331 36.59 24.30 4.03
CA VAL C 331 36.20 23.72 2.77
C VAL C 331 35.96 22.20 2.88
N LYS C 332 36.49 21.57 3.93
CA LYS C 332 36.36 20.12 4.14
C LYS C 332 34.95 19.55 4.16
N PRO C 333 34.06 20.18 4.93
CA PRO C 333 32.70 19.62 4.96
C PRO C 333 32.07 19.56 3.58
N PHE C 334 32.39 20.53 2.73
CA PHE C 334 31.78 20.60 1.41
C PHE C 334 32.41 19.57 0.49
N LEU C 335 33.69 19.28 0.72
CA LEU C 335 34.34 18.25 -0.06
C LEU C 335 33.71 16.93 0.35
N ARG C 336 33.52 16.74 1.65
CA ARG C 336 32.93 15.50 2.14
C ARG C 336 31.54 15.33 1.54
N GLU C 337 30.73 16.37 1.65
CA GLU C 337 29.37 16.37 1.13
C GLU C 337 29.33 16.05 -0.37
N ALA C 338 30.36 16.45 -1.08
CA ALA C 338 30.45 16.20 -2.53
C ALA C 338 30.98 14.80 -2.80
N GLY C 339 31.34 14.10 -1.73
CA GLY C 339 31.84 12.75 -1.87
C GLY C 339 33.28 12.67 -2.33
N LEU C 340 34.03 13.75 -2.12
CA LEU C 340 35.42 13.78 -2.53
C LEU C 340 36.35 13.75 -1.32
N SER C 341 37.58 13.26 -1.53
CA SER C 341 38.56 13.25 -0.45
C SER C 341 39.85 13.90 -0.94
N TRP C 342 40.71 14.27 -0.01
CA TRP C 342 41.97 14.89 -0.34
C TRP C 342 43.08 13.95 0.14
N GLU C 343 44.17 13.86 -0.60
CA GLU C 343 45.27 12.96 -0.23
C GLU C 343 45.90 13.28 1.10
N SER C 344 46.09 14.57 1.37
CA SER C 344 46.72 15.02 2.60
C SER C 344 46.44 16.49 2.86
N GLU C 345 46.86 16.98 4.02
CA GLU C 345 46.64 18.38 4.34
C GLU C 345 47.42 19.23 3.35
N ALA C 346 48.65 18.81 3.10
CA ALA C 346 49.51 19.54 2.19
C ALA C 346 48.84 19.72 0.83
N TYR C 347 48.26 18.65 0.32
CA TYR C 347 47.61 18.70 -0.98
C TYR C 347 46.39 19.62 -0.96
N LEU C 348 45.52 19.44 0.03
CA LEU C 348 44.33 20.26 0.13
C LEU C 348 44.70 21.75 0.21
N ARG C 349 45.69 22.09 1.03
CA ARG C 349 46.10 23.49 1.20
C ARG C 349 46.57 24.10 -0.14
N ARG C 350 47.38 23.37 -0.90
CA ARG C 350 47.82 23.90 -2.16
C ARG C 350 46.66 24.03 -3.15
N ALA C 351 45.75 23.06 -3.15
CA ALA C 351 44.59 23.13 -4.03
C ALA C 351 43.74 24.36 -3.67
N VAL C 352 43.49 24.55 -2.39
CA VAL C 352 42.70 25.71 -1.95
C VAL C 352 43.41 27.01 -2.33
N GLU C 353 44.73 27.01 -2.26
CA GLU C 353 45.48 28.20 -2.59
C GLU C 353 45.32 28.57 -4.08
N LEU C 354 45.38 27.58 -4.95
CA LEU C 354 45.24 27.81 -6.39
C LEU C 354 43.84 28.31 -6.73
N MET C 355 42.85 27.86 -5.97
CA MET C 355 41.48 28.26 -6.25
C MET C 355 40.96 29.45 -5.45
N ARG C 356 41.72 29.91 -4.47
CA ARG C 356 41.27 31.02 -3.64
C ARG C 356 40.55 32.16 -4.35
N PRO C 357 41.15 32.70 -5.41
CA PRO C 357 40.46 33.79 -6.10
C PRO C 357 39.35 33.32 -7.04
N ARG C 358 39.03 32.04 -7.05
CA ARG C 358 38.01 31.58 -7.97
C ARG C 358 36.68 31.05 -7.40
N PHE C 359 36.47 31.12 -6.08
CA PHE C 359 35.17 30.70 -5.56
C PHE C 359 34.69 31.70 -4.54
N ASP C 360 33.41 32.01 -4.60
CA ASP C 360 32.82 32.97 -3.69
C ASP C 360 32.09 32.35 -2.51
N THR C 361 31.85 31.03 -2.58
CA THR C 361 31.21 30.28 -1.50
C THR C 361 31.95 28.94 -1.32
N LEU C 362 31.95 28.39 -0.10
CA LEU C 362 32.69 27.14 0.10
C LEU C 362 32.14 26.01 -0.74
N LYS C 363 30.84 26.07 -1.02
CA LYS C 363 30.16 25.06 -1.83
C LYS C 363 30.70 25.08 -3.28
N GLU C 364 31.05 26.27 -3.77
CA GLU C 364 31.61 26.40 -5.11
C GLU C 364 32.95 25.71 -5.28
N PHE C 365 33.75 25.61 -4.21
CA PHE C 365 35.08 24.98 -4.33
C PHE C 365 35.07 23.53 -4.94
N PRO C 366 34.30 22.59 -4.37
CA PRO C 366 34.27 21.23 -4.91
C PRO C 366 33.76 21.22 -6.35
N GLU C 367 32.83 22.11 -6.64
CA GLU C 367 32.25 22.21 -7.98
C GLU C 367 33.29 22.58 -9.03
N LYS C 368 33.93 23.73 -8.86
CA LYS C 368 34.91 24.23 -9.79
C LYS C 368 36.28 23.53 -9.81
N ALA C 369 36.62 22.82 -8.74
CA ALA C 369 37.91 22.13 -8.69
C ALA C 369 37.76 20.62 -8.49
N ARG C 370 36.65 20.06 -8.93
CA ARG C 370 36.43 18.62 -8.78
C ARG C 370 37.57 17.78 -9.40
N TYR C 371 38.08 18.24 -10.54
CA TYR C 371 39.14 17.55 -11.22
C TYR C 371 40.41 17.44 -10.37
N LEU C 372 40.57 18.30 -9.37
CA LEU C 372 41.75 18.26 -8.50
C LEU C 372 41.69 17.17 -7.45
N PHE C 373 40.54 16.55 -7.29
CA PHE C 373 40.37 15.52 -6.26
C PHE C 373 39.87 14.15 -6.76
N THR C 374 39.35 14.09 -7.98
CA THR C 374 38.86 12.82 -8.50
C THR C 374 39.05 12.76 -10.01
N GLU C 375 39.04 11.53 -10.53
CA GLU C 375 39.17 11.31 -11.96
C GLU C 375 37.76 11.40 -12.58
N ASP C 376 36.77 11.25 -11.71
CA ASP C 376 35.37 11.33 -12.11
C ASP C 376 34.95 12.81 -12.35
N TYR C 377 35.57 13.48 -13.30
CA TYR C 377 35.22 14.88 -13.58
C TYR C 377 34.62 15.04 -14.97
N PRO C 378 33.90 16.14 -15.20
CA PRO C 378 33.28 16.40 -16.49
C PRO C 378 34.18 17.12 -17.49
N VAL C 379 34.05 16.77 -18.77
CA VAL C 379 34.82 17.44 -19.81
C VAL C 379 33.84 18.24 -20.66
N SER C 380 33.98 19.57 -20.68
CA SER C 380 33.07 20.40 -21.45
C SER C 380 33.31 20.26 -22.94
N GLU C 381 32.28 20.56 -23.74
CA GLU C 381 32.38 20.49 -25.19
C GLU C 381 33.51 21.36 -25.71
N LYS C 382 33.58 22.61 -25.24
CA LYS C 382 34.66 23.53 -25.66
C LYS C 382 36.05 23.01 -25.29
N ALA C 383 36.14 22.29 -24.19
CA ALA C 383 37.41 21.73 -23.75
C ALA C 383 37.76 20.53 -24.62
N GLN C 384 36.75 19.72 -24.92
CA GLN C 384 36.94 18.53 -25.74
C GLN C 384 37.35 18.95 -27.15
N ARG C 385 36.82 20.07 -27.59
CA ARG C 385 37.13 20.56 -28.92
C ARG C 385 38.57 21.07 -28.93
N LYS C 386 38.97 21.81 -27.89
CA LYS C 386 40.33 22.37 -27.78
C LYS C 386 41.33 21.22 -27.69
N LEU C 387 40.91 20.17 -26.99
CA LEU C 387 41.76 19.01 -26.82
C LEU C 387 42.02 18.38 -28.18
N GLU C 388 40.96 18.10 -28.93
CA GLU C 388 41.11 17.48 -30.24
C GLU C 388 42.02 18.28 -31.16
N GLU C 389 41.79 19.58 -31.21
CA GLU C 389 42.59 20.44 -32.08
C GLU C 389 44.07 20.44 -31.74
N GLY C 390 44.38 20.28 -30.47
CA GLY C 390 45.77 20.29 -30.05
C GLY C 390 46.45 18.94 -29.86
N LEU C 391 45.74 17.86 -30.13
CA LEU C 391 46.30 16.52 -29.98
C LEU C 391 47.65 16.32 -30.68
N PRO C 392 47.80 16.83 -31.90
CA PRO C 392 49.06 16.67 -32.62
C PRO C 392 50.27 17.25 -31.88
N LEU C 393 50.18 18.48 -31.40
CA LEU C 393 51.32 19.06 -30.69
C LEU C 393 51.43 18.49 -29.27
N LEU C 394 50.33 18.00 -28.71
CA LEU C 394 50.42 17.41 -27.39
C LEU C 394 51.20 16.12 -27.51
N LYS C 395 50.93 15.34 -28.56
CA LYS C 395 51.65 14.07 -28.76
C LYS C 395 53.14 14.36 -28.94
N GLU C 396 53.47 15.46 -29.62
CA GLU C 396 54.86 15.84 -29.79
C GLU C 396 55.49 16.37 -28.50
N LEU C 397 54.67 16.88 -27.58
CA LEU C 397 55.17 17.40 -26.33
C LEU C 397 55.35 16.28 -25.29
N TYR C 398 54.42 15.34 -25.27
CA TYR C 398 54.47 14.26 -24.30
C TYR C 398 55.85 13.71 -24.02
N PRO C 399 56.55 13.20 -25.06
CA PRO C 399 57.90 12.66 -24.81
C PRO C 399 58.85 13.64 -24.10
N ARG C 400 58.83 14.91 -24.48
CA ARG C 400 59.69 15.91 -23.86
C ARG C 400 59.31 16.07 -22.40
N LEU C 401 58.07 15.74 -22.07
CA LEU C 401 57.60 15.85 -20.71
C LEU C 401 58.00 14.63 -19.90
N ARG C 402 57.90 13.44 -20.48
CA ARG C 402 58.27 12.27 -19.70
C ARG C 402 59.77 12.28 -19.42
N ALA C 403 60.48 13.21 -20.07
CA ALA C 403 61.93 13.36 -19.94
C ALA C 403 62.35 14.40 -18.89
N GLN C 404 61.51 15.42 -18.70
CA GLN C 404 61.78 16.48 -17.73
C GLN C 404 61.93 15.82 -16.36
N GLU C 405 63.12 15.90 -15.76
CA GLU C 405 63.30 15.26 -14.46
C GLU C 405 62.83 16.16 -13.31
N GLU C 406 63.09 17.46 -13.41
CA GLU C 406 62.66 18.40 -12.38
C GLU C 406 61.26 18.93 -12.68
N TRP C 407 60.27 18.35 -11.99
CA TRP C 407 58.89 18.73 -12.18
C TRP C 407 58.49 19.92 -11.30
N THR C 408 58.87 21.13 -11.74
CA THR C 408 58.57 22.36 -11.03
C THR C 408 57.90 23.39 -11.93
N GLU C 409 57.18 24.32 -11.31
CA GLU C 409 56.47 25.35 -12.03
C GLU C 409 57.39 26.29 -12.82
N ALA C 410 58.66 26.35 -12.45
CA ALA C 410 59.60 27.21 -13.15
C ALA C 410 60.20 26.40 -14.30
N ALA C 411 60.59 25.17 -13.98
CA ALA C 411 61.14 24.26 -14.98
C ALA C 411 60.11 24.09 -16.10
N LEU C 412 58.93 23.58 -15.73
CA LEU C 412 57.87 23.36 -16.70
C LEU C 412 57.54 24.58 -17.54
N GLU C 413 57.57 25.76 -16.94
CA GLU C 413 57.26 26.95 -17.74
C GLU C 413 58.33 27.11 -18.79
N ALA C 414 59.58 26.93 -18.40
CA ALA C 414 60.69 27.06 -19.34
C ALA C 414 60.57 26.02 -20.45
N LEU C 415 60.30 24.77 -20.06
CA LEU C 415 60.13 23.68 -21.02
C LEU C 415 59.03 24.00 -22.05
N LEU C 416 57.86 24.45 -21.58
CA LEU C 416 56.75 24.75 -22.47
C LEU C 416 56.96 26.00 -23.30
N ARG C 417 57.63 27.00 -22.73
CA ARG C 417 57.90 28.23 -23.48
C ARG C 417 58.82 27.87 -24.65
N GLY C 418 59.85 27.09 -24.37
CA GLY C 418 60.78 26.70 -25.41
C GLY C 418 60.09 25.92 -26.52
N PHE C 419 59.34 24.89 -26.13
CA PHE C 419 58.62 24.06 -27.07
C PHE C 419 57.74 24.87 -28.00
N ALA C 420 57.00 25.83 -27.46
CA ALA C 420 56.11 26.66 -28.28
C ALA C 420 56.95 27.50 -29.22
N ALA C 421 58.07 27.97 -28.72
CA ALA C 421 58.98 28.78 -29.53
C ALA C 421 59.48 27.93 -30.67
N GLU C 422 60.13 26.81 -30.33
CA GLU C 422 60.67 25.92 -31.33
C GLU C 422 59.59 25.43 -32.30
N LYS C 423 58.32 25.60 -31.93
CA LYS C 423 57.22 25.17 -32.78
C LYS C 423 56.57 26.35 -33.50
N GLY C 424 57.09 27.55 -33.23
CA GLY C 424 56.56 28.75 -33.87
C GLY C 424 55.08 28.94 -33.63
N VAL C 425 54.64 28.61 -32.42
CA VAL C 425 53.25 28.74 -32.05
C VAL C 425 53.19 29.52 -30.73
N LYS C 426 52.04 30.12 -30.43
CA LYS C 426 51.88 30.88 -29.18
C LYS C 426 51.67 29.91 -28.03
N LEU C 427 52.24 30.21 -26.85
CA LEU C 427 52.09 29.32 -25.69
C LEU C 427 50.65 28.85 -25.55
N GLY C 428 49.71 29.79 -25.66
CA GLY C 428 48.31 29.44 -25.52
C GLY C 428 47.95 28.29 -26.43
N GLN C 429 48.56 28.23 -27.61
CA GLN C 429 48.26 27.17 -28.55
C GLN C 429 48.64 25.81 -27.97
N VAL C 430 49.50 25.83 -26.96
CA VAL C 430 49.90 24.57 -26.33
C VAL C 430 49.36 24.45 -24.90
N ALA C 431 49.29 25.58 -24.20
CA ALA C 431 48.76 25.59 -22.84
C ALA C 431 47.26 25.26 -22.76
N GLN C 432 46.44 25.86 -23.62
CA GLN C 432 45.00 25.60 -23.55
C GLN C 432 44.65 24.12 -23.78
N PRO C 433 45.16 23.49 -24.84
CA PRO C 433 44.79 22.08 -25.02
C PRO C 433 45.29 21.21 -23.85
N LEU C 434 46.45 21.56 -23.28
CA LEU C 434 46.98 20.79 -22.14
C LEU C 434 46.06 21.02 -20.93
N ARG C 435 45.63 22.27 -20.73
CA ARG C 435 44.74 22.58 -19.63
C ARG C 435 43.51 21.66 -19.75
N ALA C 436 42.96 21.57 -20.96
CA ALA C 436 41.78 20.70 -21.18
C ALA C 436 42.08 19.25 -20.86
N ALA C 437 43.29 18.81 -21.15
CA ALA C 437 43.66 17.43 -20.91
C ALA C 437 43.73 17.12 -19.41
N LEU C 438 44.33 18.03 -18.68
CA LEU C 438 44.50 17.88 -17.25
C LEU C 438 43.26 18.12 -16.41
N THR C 439 42.39 19.01 -16.88
CA THR C 439 41.22 19.38 -16.08
C THR C 439 39.83 19.22 -16.68
N GLY C 440 39.75 19.02 -18.00
CA GLY C 440 38.46 18.85 -18.65
C GLY C 440 37.72 20.17 -18.68
N SER C 441 38.46 21.26 -18.51
CA SER C 441 37.92 22.62 -18.52
C SER C 441 38.92 23.65 -19.06
N LEU C 442 38.40 24.76 -19.56
CA LEU C 442 39.24 25.83 -20.09
C LEU C 442 39.25 27.02 -19.13
N GLU C 443 38.63 26.85 -17.97
CA GLU C 443 38.56 27.90 -16.93
C GLU C 443 39.19 27.32 -15.65
N THR C 444 40.49 27.49 -15.47
CA THR C 444 41.18 26.94 -14.31
C THR C 444 42.28 27.88 -13.86
N PRO C 445 43.08 27.45 -12.86
CA PRO C 445 44.16 28.34 -12.44
C PRO C 445 45.32 28.12 -13.43
N GLY C 446 46.46 28.74 -13.15
CA GLY C 446 47.64 28.64 -13.99
C GLY C 446 48.09 27.25 -14.38
N LEU C 447 48.40 27.09 -15.66
CA LEU C 447 48.81 25.79 -16.16
C LEU C 447 49.98 25.18 -15.44
N PHE C 448 51.00 25.98 -15.16
CA PHE C 448 52.17 25.41 -14.51
C PHE C 448 51.90 24.91 -13.10
N GLU C 449 51.07 25.64 -12.34
CA GLU C 449 50.79 25.18 -10.98
C GLU C 449 49.84 23.99 -11.06
N ILE C 450 49.02 23.95 -12.10
CA ILE C 450 48.10 22.86 -12.28
C ILE C 450 48.92 21.64 -12.63
N LEU C 451 49.93 21.83 -13.48
CA LEU C 451 50.81 20.74 -13.91
C LEU C 451 51.68 20.26 -12.75
N ALA C 452 52.23 21.21 -12.00
CA ALA C 452 53.07 20.89 -10.86
C ALA C 452 52.28 20.22 -9.73
N LEU C 453 51.08 20.72 -9.46
CA LEU C 453 50.29 20.19 -8.36
C LEU C 453 50.20 18.69 -8.18
N LEU C 454 49.98 17.95 -9.26
CA LEU C 454 49.83 16.50 -9.10
C LEU C 454 51.11 15.64 -9.13
N GLY C 455 52.22 16.24 -9.52
CA GLY C 455 53.46 15.50 -9.63
C GLY C 455 53.51 14.84 -11.00
N LYS C 456 54.72 14.71 -11.57
CA LYS C 456 54.92 14.10 -12.88
C LYS C 456 54.04 12.87 -13.19
N GLU C 457 54.15 11.84 -12.37
CA GLU C 457 53.38 10.62 -12.59
C GLU C 457 51.88 10.81 -12.84
N ARG C 458 51.19 11.40 -11.87
CA ARG C 458 49.75 11.62 -11.99
C ARG C 458 49.42 12.49 -13.22
N ALA C 459 50.23 13.53 -13.44
CA ALA C 459 50.03 14.45 -14.56
C ALA C 459 50.04 13.72 -15.93
N LEU C 460 51.13 13.01 -16.21
CA LEU C 460 51.26 12.27 -17.46
C LEU C 460 50.20 11.19 -17.61
N ARG C 461 49.92 10.48 -16.52
CA ARG C 461 48.92 9.43 -16.54
C ARG C 461 47.62 9.98 -17.11
N ARG C 462 47.29 11.20 -16.69
CA ARG C 462 46.08 11.85 -17.17
C ARG C 462 46.29 12.33 -18.61
N LEU C 463 47.47 12.87 -18.89
CA LEU C 463 47.76 13.34 -20.23
C LEU C 463 47.65 12.20 -21.20
N GLU C 464 48.08 11.02 -20.77
CA GLU C 464 48.04 9.84 -21.60
C GLU C 464 46.64 9.41 -21.98
N ARG C 465 45.71 9.37 -21.02
CA ARG C 465 44.35 8.98 -21.36
C ARG C 465 43.72 9.89 -22.41
N ALA C 466 44.22 11.13 -22.50
CA ALA C 466 43.70 12.09 -23.46
C ALA C 466 44.32 11.85 -24.83
N LEU C 467 45.55 11.34 -24.83
CA LEU C 467 46.22 11.05 -26.09
C LEU C 467 45.78 9.67 -26.58
N ALA C 468 45.13 8.91 -25.70
CA ALA C 468 44.67 7.58 -26.06
C ALA C 468 43.52 7.75 -27.05
N MET D 1 -19.88 -17.04 14.01
CA MET D 1 -19.20 -16.87 12.68
C MET D 1 -20.06 -17.34 11.48
N VAL D 2 -19.66 -18.45 10.87
CA VAL D 2 -20.36 -18.98 9.71
C VAL D 2 -20.53 -20.49 9.72
N VAL D 3 -21.76 -20.94 9.60
CA VAL D 3 -22.06 -22.36 9.54
C VAL D 3 -22.99 -22.61 8.35
N THR D 4 -22.57 -23.50 7.48
CA THR D 4 -23.33 -23.90 6.31
C THR D 4 -23.64 -25.38 6.43
N ARG D 5 -24.50 -25.86 5.55
CA ARG D 5 -24.82 -27.29 5.55
C ARG D 5 -25.29 -27.83 4.22
N ILE D 6 -25.17 -29.13 4.06
CA ILE D 6 -25.69 -29.81 2.90
C ILE D 6 -26.72 -30.66 3.62
N ALA D 7 -27.87 -30.89 3.01
CA ALA D 7 -28.88 -31.68 3.68
C ALA D 7 -29.58 -32.62 2.71
N PRO D 8 -28.86 -33.60 2.17
CA PRO D 8 -29.45 -34.54 1.21
C PRO D 8 -30.43 -35.54 1.81
N SER D 9 -31.30 -36.03 0.95
CA SER D 9 -32.28 -37.05 1.29
C SER D 9 -31.73 -38.34 0.69
N PRO D 10 -31.78 -39.46 1.43
CA PRO D 10 -31.27 -40.73 0.91
C PRO D 10 -32.36 -41.44 0.09
N THR D 11 -32.59 -41.02 -1.14
CA THR D 11 -33.61 -41.64 -1.95
C THR D 11 -33.08 -42.24 -3.25
N GLY D 12 -31.76 -42.33 -3.36
CA GLY D 12 -31.15 -42.88 -4.58
C GLY D 12 -29.63 -42.76 -4.67
N ASP D 13 -29.10 -42.83 -5.89
CA ASP D 13 -27.66 -42.70 -6.12
C ASP D 13 -27.22 -41.29 -5.82
N PRO D 14 -26.00 -41.11 -5.31
CA PRO D 14 -25.52 -39.75 -5.02
C PRO D 14 -25.60 -38.91 -6.31
N HIS D 15 -26.29 -37.79 -6.23
CA HIS D 15 -26.57 -36.92 -7.37
C HIS D 15 -25.55 -35.76 -7.53
N VAL D 16 -25.25 -35.44 -8.79
CA VAL D 16 -24.31 -34.37 -9.11
C VAL D 16 -24.80 -33.01 -8.61
N GLY D 17 -26.11 -32.86 -8.50
CA GLY D 17 -26.65 -31.60 -8.00
C GLY D 17 -26.27 -31.43 -6.54
N THR D 18 -26.11 -32.53 -5.81
CA THR D 18 -25.74 -32.43 -4.39
C THR D 18 -24.26 -32.06 -4.36
N ALA D 19 -23.47 -32.73 -5.18
CA ALA D 19 -22.04 -32.44 -5.21
C ALA D 19 -21.89 -30.96 -5.42
N TYR D 20 -22.66 -30.46 -6.37
CA TYR D 20 -22.66 -29.06 -6.76
C TYR D 20 -23.01 -28.07 -5.61
N ILE D 21 -24.13 -28.29 -4.94
CA ILE D 21 -24.50 -27.42 -3.82
C ILE D 21 -23.51 -27.63 -2.66
N ALA D 22 -23.06 -28.88 -2.46
CA ALA D 22 -22.08 -29.17 -1.41
C ALA D 22 -20.81 -28.34 -1.64
N LEU D 23 -20.36 -28.33 -2.88
CA LEU D 23 -19.15 -27.60 -3.25
C LEU D 23 -19.18 -26.15 -2.83
N PHE D 24 -20.29 -25.45 -3.07
CA PHE D 24 -20.34 -24.04 -2.70
C PHE D 24 -20.53 -23.83 -1.17
N ASN D 25 -21.19 -24.78 -0.53
CA ASN D 25 -21.35 -24.68 0.91
C ASN D 25 -20.00 -24.86 1.60
N TYR D 26 -19.23 -25.85 1.13
CA TYR D 26 -17.92 -26.14 1.67
C TYR D 26 -16.99 -24.93 1.52
N ALA D 27 -17.00 -24.36 0.32
CA ALA D 27 -16.18 -23.20 0.05
C ALA D 27 -16.53 -22.00 0.93
N TRP D 28 -17.80 -21.68 1.04
CA TRP D 28 -18.17 -20.51 1.84
C TRP D 28 -17.80 -20.72 3.31
N ALA D 29 -17.84 -21.97 3.76
CA ALA D 29 -17.49 -22.22 5.15
C ALA D 29 -15.99 -21.98 5.32
N ARG D 30 -15.19 -22.65 4.51
CA ARG D 30 -13.76 -22.49 4.63
C ARG D 30 -13.26 -21.08 4.44
N ARG D 31 -13.79 -20.39 3.44
CA ARG D 31 -13.38 -19.02 3.15
C ARG D 31 -13.54 -18.12 4.37
N ASN D 32 -14.49 -18.45 5.24
CA ASN D 32 -14.77 -17.66 6.42
C ASN D 32 -14.31 -18.32 7.74
N GLY D 33 -13.54 -19.40 7.63
CA GLY D 33 -13.09 -20.08 8.81
C GLY D 33 -14.26 -20.59 9.62
N GLY D 34 -15.32 -21.01 8.93
CA GLY D 34 -16.50 -21.50 9.63
C GLY D 34 -16.63 -23.02 9.63
N ARG D 35 -17.84 -23.50 9.82
CA ARG D 35 -18.08 -24.94 9.83
C ARG D 35 -19.08 -25.39 8.74
N PHE D 36 -18.77 -26.53 8.13
CA PHE D 36 -19.61 -27.14 7.09
C PHE D 36 -20.13 -28.46 7.62
N ILE D 37 -21.45 -28.52 7.76
CA ILE D 37 -22.20 -29.65 8.30
C ILE D 37 -23.00 -30.50 7.29
N VAL D 38 -23.09 -31.79 7.58
CA VAL D 38 -23.88 -32.70 6.78
C VAL D 38 -25.03 -33.22 7.66
N ARG D 39 -26.26 -32.95 7.24
CA ARG D 39 -27.46 -33.40 7.95
C ARG D 39 -28.21 -34.30 6.94
N ILE D 40 -28.60 -35.50 7.35
CA ILE D 40 -29.30 -36.43 6.47
C ILE D 40 -30.78 -36.24 6.65
N GLU D 41 -31.48 -35.82 5.61
CA GLU D 41 -32.90 -35.60 5.78
C GLU D 41 -33.71 -36.80 5.32
N ASP D 42 -33.75 -37.81 6.19
CA ASP D 42 -34.46 -39.07 5.95
C ASP D 42 -35.79 -39.18 6.69
N THR D 43 -36.57 -38.09 6.63
CA THR D 43 -37.87 -38.00 7.29
C THR D 43 -39.06 -38.52 6.48
N ASP D 44 -38.82 -38.99 5.25
CA ASP D 44 -39.89 -39.53 4.42
C ASP D 44 -39.74 -41.02 4.25
N ARG D 45 -40.39 -41.75 5.13
CA ARG D 45 -40.34 -43.20 5.15
C ARG D 45 -40.62 -43.85 3.81
N ALA D 46 -41.53 -43.26 3.06
CA ALA D 46 -41.93 -43.80 1.76
C ALA D 46 -40.81 -43.91 0.74
N ARG D 47 -40.18 -42.78 0.43
CA ARG D 47 -39.11 -42.76 -0.57
C ARG D 47 -37.73 -43.07 0.00
N TYR D 48 -37.66 -43.29 1.30
CA TYR D 48 -36.39 -43.58 1.96
C TYR D 48 -35.69 -44.83 1.43
N VAL D 49 -34.42 -44.67 1.05
CA VAL D 49 -33.62 -45.77 0.55
C VAL D 49 -32.45 -46.00 1.51
N PRO D 50 -32.53 -47.04 2.36
CA PRO D 50 -31.41 -47.25 3.27
C PRO D 50 -30.09 -47.39 2.52
N GLY D 51 -29.02 -46.81 3.07
CA GLY D 51 -27.73 -46.89 2.42
C GLY D 51 -27.44 -45.72 1.48
N ALA D 52 -28.48 -45.02 1.05
CA ALA D 52 -28.25 -43.89 0.17
C ALA D 52 -27.32 -42.95 0.92
N GLU D 53 -27.36 -43.06 2.24
CA GLU D 53 -26.54 -42.22 3.09
C GLU D 53 -25.06 -42.51 2.94
N GLU D 54 -24.67 -43.75 3.17
CA GLU D 54 -23.27 -44.14 3.08
C GLU D 54 -22.69 -43.78 1.73
N ARG D 55 -23.50 -43.93 0.67
CA ARG D 55 -23.04 -43.64 -0.68
C ARG D 55 -22.87 -42.15 -0.93
N ILE D 56 -23.79 -41.33 -0.42
CA ILE D 56 -23.61 -39.92 -0.66
C ILE D 56 -22.44 -39.36 0.20
N LEU D 57 -22.20 -39.88 1.39
CA LEU D 57 -21.06 -39.37 2.15
C LEU D 57 -19.75 -39.78 1.48
N ALA D 58 -19.76 -40.99 0.90
CA ALA D 58 -18.60 -41.53 0.20
C ALA D 58 -18.31 -40.69 -1.03
N ALA D 59 -19.36 -40.31 -1.75
CA ALA D 59 -19.22 -39.49 -2.95
C ALA D 59 -18.61 -38.12 -2.63
N LEU D 60 -19.04 -37.49 -1.55
CA LEU D 60 -18.50 -36.17 -1.18
C LEU D 60 -17.01 -36.21 -0.88
N LYS D 61 -16.59 -37.25 -0.17
CA LYS D 61 -15.19 -37.39 0.17
C LYS D 61 -14.39 -37.69 -1.12
N TRP D 62 -14.98 -38.48 -2.01
CA TRP D 62 -14.33 -38.82 -3.28
C TRP D 62 -14.08 -37.55 -4.08
N LEU D 63 -15.01 -36.60 -4.00
CA LEU D 63 -14.89 -35.35 -4.72
C LEU D 63 -13.84 -34.47 -4.15
N GLY D 64 -13.43 -34.78 -2.92
CA GLY D 64 -12.40 -33.98 -2.28
C GLY D 64 -12.91 -33.05 -1.18
N LEU D 65 -14.16 -33.21 -0.80
CA LEU D 65 -14.71 -32.36 0.25
C LEU D 65 -14.52 -33.03 1.60
N SER D 66 -14.61 -32.22 2.63
CA SER D 66 -14.49 -32.68 4.01
C SER D 66 -15.59 -31.93 4.71
N TYR D 67 -16.15 -32.50 5.75
CA TYR D 67 -17.16 -31.77 6.45
C TYR D 67 -16.74 -31.77 7.90
N ASP D 68 -17.24 -30.82 8.68
CA ASP D 68 -16.84 -30.74 10.07
C ASP D 68 -17.75 -31.44 11.07
N GLU D 69 -18.99 -31.69 10.68
CA GLU D 69 -19.97 -32.36 11.54
C GLU D 69 -20.82 -33.17 10.61
N GLY D 70 -21.38 -34.27 11.13
CA GLY D 70 -22.19 -35.12 10.30
C GLY D 70 -22.43 -36.43 11.01
N PRO D 71 -23.28 -37.29 10.45
CA PRO D 71 -23.65 -38.60 11.00
C PRO D 71 -22.49 -39.49 11.35
N ASP D 72 -21.57 -39.67 10.41
CA ASP D 72 -20.45 -40.56 10.68
C ASP D 72 -19.24 -39.95 11.37
N VAL D 73 -19.31 -38.65 11.70
CA VAL D 73 -18.19 -37.99 12.34
C VAL D 73 -18.65 -37.36 13.65
N GLY D 74 -19.93 -37.49 13.97
CA GLY D 74 -20.44 -36.88 15.18
C GLY D 74 -20.30 -35.35 15.18
N GLY D 75 -20.54 -34.72 16.32
CA GLY D 75 -20.46 -33.28 16.42
C GLY D 75 -21.25 -32.88 17.63
N PRO D 76 -21.16 -31.62 18.06
CA PRO D 76 -21.86 -31.05 19.22
C PRO D 76 -23.37 -30.90 19.13
N HIS D 77 -23.92 -31.06 17.93
CA HIS D 77 -25.36 -30.87 17.80
C HIS D 77 -26.12 -32.01 17.13
N GLY D 78 -25.67 -33.24 17.33
CA GLY D 78 -26.36 -34.35 16.71
C GLY D 78 -27.67 -34.65 17.39
N PRO D 79 -28.42 -35.65 16.94
CA PRO D 79 -28.16 -36.55 15.81
C PRO D 79 -28.12 -35.73 14.53
N TYR D 80 -27.47 -36.28 13.51
CA TYR D 80 -27.38 -35.63 12.20
C TYR D 80 -28.22 -36.39 11.16
N ARG D 81 -29.22 -37.10 11.65
CA ARG D 81 -30.16 -37.84 10.82
C ARG D 81 -31.50 -37.37 11.38
N GLN D 82 -32.37 -36.84 10.53
CA GLN D 82 -33.64 -36.36 11.05
C GLN D 82 -34.55 -37.47 11.58
N SER D 83 -34.29 -38.70 11.18
CA SER D 83 -35.11 -39.83 11.61
C SER D 83 -34.85 -40.14 13.07
N GLU D 84 -33.71 -39.66 13.57
CA GLU D 84 -33.33 -39.86 14.95
C GLU D 84 -33.78 -38.71 15.85
N ARG D 85 -34.42 -37.69 15.27
CA ARG D 85 -34.85 -36.55 16.08
C ARG D 85 -36.35 -36.21 16.01
N LEU D 86 -37.16 -37.24 15.71
CA LEU D 86 -38.61 -37.06 15.62
C LEU D 86 -39.26 -36.34 16.80
N PRO D 87 -38.97 -36.76 18.05
CA PRO D 87 -39.53 -36.17 19.27
C PRO D 87 -39.34 -34.65 19.28
N LEU D 88 -38.18 -34.24 18.78
CA LEU D 88 -37.84 -32.84 18.71
C LEU D 88 -38.88 -32.05 17.91
N TYR D 89 -39.19 -32.54 16.72
CA TYR D 89 -40.16 -31.90 15.84
C TYR D 89 -41.56 -31.88 16.45
N GLN D 90 -41.94 -32.97 17.10
CA GLN D 90 -43.25 -33.07 17.76
C GLN D 90 -43.41 -31.94 18.76
N LYS D 91 -42.39 -31.78 19.60
CA LYS D 91 -42.39 -30.72 20.63
C LYS D 91 -42.52 -29.30 20.04
N TYR D 92 -41.76 -29.02 18.96
CA TYR D 92 -41.83 -27.70 18.33
C TYR D 92 -43.17 -27.49 17.62
N ALA D 93 -43.72 -28.56 17.05
CA ALA D 93 -45.00 -28.46 16.38
C ALA D 93 -46.00 -27.97 17.43
N GLU D 94 -46.05 -28.70 18.55
CA GLU D 94 -46.92 -28.35 19.66
C GLU D 94 -46.62 -26.95 20.16
N GLU D 95 -45.34 -26.57 20.18
CA GLU D 95 -44.97 -25.22 20.61
C GLU D 95 -45.62 -24.16 19.72
N LEU D 96 -45.70 -24.43 18.42
CA LEU D 96 -46.30 -23.48 17.49
C LEU D 96 -47.80 -23.40 17.77
N LEU D 97 -48.40 -24.54 18.13
CA LEU D 97 -49.81 -24.65 18.44
C LEU D 97 -50.16 -23.69 19.57
N LYS D 98 -49.44 -23.85 20.66
CA LYS D 98 -49.62 -23.00 21.84
C LYS D 98 -49.50 -21.55 21.43
N ARG D 99 -48.46 -21.25 20.66
CA ARG D 99 -48.22 -19.88 20.23
C ARG D 99 -49.25 -19.41 19.21
N GLY D 100 -50.18 -20.32 18.87
CA GLY D 100 -51.22 -19.96 17.92
C GLY D 100 -50.74 -19.73 16.49
N TRP D 101 -49.58 -20.28 16.14
CA TRP D 101 -49.03 -20.15 14.79
C TRP D 101 -49.29 -21.43 13.97
N ALA D 102 -49.95 -22.42 14.57
CA ALA D 102 -50.28 -23.68 13.89
C ALA D 102 -51.63 -24.15 14.41
N TYR D 103 -52.29 -25.05 13.69
CA TYR D 103 -53.56 -25.57 14.18
C TYR D 103 -53.67 -26.99 13.74
N ARG D 104 -54.48 -27.77 14.45
CA ARG D 104 -54.68 -29.17 14.09
C ARG D 104 -55.78 -29.27 13.02
N ALA D 105 -55.61 -30.22 12.11
CA ALA D 105 -56.56 -30.42 11.02
C ALA D 105 -56.76 -31.92 10.90
N PHE D 106 -58.02 -32.37 10.93
CA PHE D 106 -58.31 -33.81 10.88
C PHE D 106 -58.82 -34.40 9.56
N GLU D 107 -58.91 -33.60 8.51
CA GLU D 107 -59.38 -34.10 7.24
C GLU D 107 -58.59 -35.33 6.82
N THR D 108 -59.28 -36.28 6.20
CA THR D 108 -58.62 -37.49 5.72
C THR D 108 -58.03 -37.13 4.36
N PRO D 109 -57.12 -37.96 3.84
CA PRO D 109 -56.52 -37.67 2.54
C PRO D 109 -57.60 -37.50 1.46
N GLU D 110 -58.64 -38.32 1.55
CA GLU D 110 -59.76 -38.28 0.61
C GLU D 110 -60.43 -36.90 0.61
N GLU D 111 -60.82 -36.43 1.78
CA GLU D 111 -61.47 -35.13 1.89
C GLU D 111 -60.62 -34.06 1.26
N LEU D 112 -59.33 -34.09 1.58
CA LEU D 112 -58.38 -33.11 1.06
C LEU D 112 -58.41 -33.03 -0.46
N GLU D 113 -58.33 -34.18 -1.11
CA GLU D 113 -58.34 -34.20 -2.56
C GLU D 113 -59.64 -33.55 -3.05
N GLN D 114 -60.73 -33.86 -2.35
CA GLN D 114 -62.02 -33.30 -2.68
C GLN D 114 -61.95 -31.78 -2.63
N ILE D 115 -61.58 -31.24 -1.48
CA ILE D 115 -61.52 -29.79 -1.37
C ILE D 115 -60.51 -29.19 -2.33
N ARG D 116 -59.49 -29.95 -2.71
CA ARG D 116 -58.50 -29.45 -3.65
C ARG D 116 -59.17 -29.36 -5.02
N LYS D 117 -60.09 -30.30 -5.29
CA LYS D 117 -60.82 -30.34 -6.56
C LYS D 117 -61.82 -29.19 -6.64
N GLU D 118 -62.41 -28.83 -5.51
CA GLU D 118 -63.41 -27.78 -5.42
C GLU D 118 -62.84 -26.37 -5.39
N LYS D 119 -61.71 -26.19 -4.70
CA LYS D 119 -61.09 -24.87 -4.58
C LYS D 119 -59.61 -24.83 -4.96
N GLY D 120 -59.07 -25.96 -5.41
CA GLY D 120 -57.66 -26.01 -5.80
C GLY D 120 -56.65 -25.74 -4.71
N GLY D 121 -56.78 -26.44 -3.59
CA GLY D 121 -55.86 -26.27 -2.48
C GLY D 121 -56.66 -26.21 -1.19
N TYR D 122 -56.03 -26.50 -0.06
CA TYR D 122 -56.75 -26.46 1.22
C TYR D 122 -57.24 -25.06 1.54
N ASP D 123 -58.46 -24.97 2.07
CA ASP D 123 -59.09 -23.70 2.42
C ASP D 123 -58.92 -23.31 3.88
N GLY D 124 -58.09 -24.05 4.62
CA GLY D 124 -57.87 -23.72 6.01
C GLY D 124 -59.12 -23.84 6.87
N ARG D 125 -60.05 -24.68 6.44
CA ARG D 125 -61.28 -24.81 7.18
C ARG D 125 -61.10 -25.26 8.62
N ALA D 126 -60.03 -25.97 8.92
CA ALA D 126 -59.80 -26.45 10.27
C ALA D 126 -59.43 -25.33 11.24
N ARG D 127 -59.14 -24.15 10.72
CA ARG D 127 -58.79 -23.04 11.57
C ARG D 127 -59.94 -22.71 12.52
N ASN D 128 -61.16 -22.99 12.06
CA ASN D 128 -62.36 -22.69 12.82
C ASN D 128 -62.76 -23.74 13.85
N ILE D 129 -61.95 -24.79 13.98
CA ILE D 129 -62.24 -25.81 14.97
C ILE D 129 -61.82 -25.21 16.31
N PRO D 130 -62.70 -25.28 17.33
CA PRO D 130 -62.39 -24.74 18.66
C PRO D 130 -61.11 -25.35 19.20
N PRO D 131 -60.14 -24.49 19.62
CA PRO D 131 -58.86 -24.94 20.16
C PRO D 131 -59.00 -26.07 21.17
N GLU D 132 -59.88 -25.88 22.14
CA GLU D 132 -60.10 -26.90 23.17
C GLU D 132 -60.65 -28.20 22.57
N GLU D 133 -61.48 -28.06 21.54
CA GLU D 133 -62.06 -29.22 20.86
C GLU D 133 -60.96 -29.97 20.12
N ALA D 134 -60.12 -29.21 19.42
CA ALA D 134 -59.03 -29.80 18.68
C ALA D 134 -58.18 -30.63 19.62
N GLU D 135 -57.79 -30.01 20.75
CA GLU D 135 -56.95 -30.66 21.74
C GLU D 135 -57.59 -31.94 22.26
N GLU D 136 -58.90 -31.88 22.49
CA GLU D 136 -59.61 -33.04 23.00
C GLU D 136 -59.58 -34.15 21.95
N ARG D 137 -59.87 -33.79 20.70
CA ARG D 137 -59.88 -34.77 19.62
C ARG D 137 -58.51 -35.42 19.46
N ALA D 138 -57.47 -34.69 19.85
CA ALA D 138 -56.10 -35.20 19.75
C ALA D 138 -55.85 -36.20 20.89
N ARG D 139 -56.27 -35.84 22.09
CA ARG D 139 -56.08 -36.71 23.25
C ARG D 139 -56.77 -38.06 23.04
N ARG D 140 -57.90 -38.04 22.34
CA ARG D 140 -58.65 -39.26 22.06
C ARG D 140 -57.95 -40.13 21.02
N GLY D 141 -56.88 -39.59 20.44
CA GLY D 141 -56.12 -40.34 19.46
C GLY D 141 -56.58 -40.18 18.04
N GLU D 142 -57.51 -39.25 17.79
CA GLU D 142 -57.99 -39.06 16.43
C GLU D 142 -56.83 -38.61 15.53
N PRO D 143 -56.63 -39.32 14.41
CA PRO D 143 -55.55 -39.00 13.46
C PRO D 143 -55.63 -37.55 12.97
N HIS D 144 -54.48 -36.88 12.85
CA HIS D 144 -54.47 -35.50 12.39
C HIS D 144 -53.07 -34.99 12.02
N VAL D 145 -53.02 -33.78 11.47
CA VAL D 145 -51.77 -33.13 11.11
C VAL D 145 -51.79 -31.74 11.68
N ILE D 146 -50.62 -31.12 11.83
CA ILE D 146 -50.53 -29.76 12.33
C ILE D 146 -50.10 -28.88 11.15
N ARG D 147 -50.80 -27.78 10.94
CA ARG D 147 -50.52 -26.90 9.80
C ARG D 147 -50.02 -25.54 10.23
N LEU D 148 -49.24 -24.92 9.35
CA LEU D 148 -48.75 -23.58 9.62
C LEU D 148 -49.99 -22.71 9.52
N LYS D 149 -50.14 -21.79 10.46
CA LYS D 149 -51.27 -20.90 10.45
C LYS D 149 -50.83 -19.59 9.85
N VAL D 150 -50.69 -19.56 8.54
CA VAL D 150 -50.28 -18.35 7.84
C VAL D 150 -51.16 -17.13 8.11
N PRO D 151 -50.54 -16.00 8.49
CA PRO D 151 -51.20 -14.73 8.80
C PRO D 151 -51.93 -14.21 7.56
N ARG D 152 -53.26 -14.23 7.57
CA ARG D 152 -54.02 -13.71 6.43
C ARG D 152 -54.96 -12.58 6.84
N PRO D 153 -54.97 -11.47 6.08
CA PRO D 153 -54.20 -11.16 4.89
C PRO D 153 -52.82 -10.68 5.29
N GLY D 154 -51.99 -10.36 4.30
CA GLY D 154 -50.65 -9.89 4.61
C GLY D 154 -49.55 -10.29 3.63
N THR D 155 -48.35 -9.79 3.89
CA THR D 155 -47.20 -10.07 3.03
C THR D 155 -45.97 -10.48 3.83
N THR D 156 -45.08 -11.20 3.17
CA THR D 156 -43.87 -11.71 3.78
C THR D 156 -42.67 -11.36 2.92
N GLU D 157 -41.69 -10.67 3.50
CA GLU D 157 -40.50 -10.31 2.75
C GLU D 157 -39.47 -11.40 2.87
N VAL D 158 -38.84 -11.74 1.76
CA VAL D 158 -37.77 -12.73 1.77
C VAL D 158 -36.54 -12.08 1.14
N LYS D 159 -35.41 -12.20 1.82
CA LYS D 159 -34.18 -11.64 1.27
C LYS D 159 -33.19 -12.69 0.84
N ASP D 160 -32.87 -12.65 -0.44
CA ASP D 160 -31.92 -13.55 -1.00
C ASP D 160 -30.67 -12.70 -1.19
N GLU D 161 -29.54 -13.16 -0.65
CA GLU D 161 -28.32 -12.39 -0.75
C GLU D 161 -27.85 -12.14 -2.20
N LEU D 162 -28.36 -12.92 -3.14
CA LEU D 162 -27.93 -12.76 -4.52
C LEU D 162 -28.95 -12.04 -5.42
N ARG D 163 -30.20 -12.00 -5.02
CA ARG D 163 -31.23 -11.34 -5.83
C ARG D 163 -31.79 -10.06 -5.21
N GLY D 164 -31.82 -10.01 -3.90
CA GLY D 164 -32.36 -8.84 -3.25
C GLY D 164 -33.64 -9.24 -2.53
N VAL D 165 -34.38 -8.25 -2.05
CA VAL D 165 -35.63 -8.53 -1.35
C VAL D 165 -36.76 -8.89 -2.33
N VAL D 166 -37.59 -9.84 -1.93
CA VAL D 166 -38.74 -10.29 -2.72
C VAL D 166 -39.94 -10.16 -1.80
N VAL D 167 -41.09 -9.75 -2.30
CA VAL D 167 -42.22 -9.62 -1.40
C VAL D 167 -43.39 -10.48 -1.81
N TYR D 168 -43.55 -11.61 -1.13
CA TYR D 168 -44.63 -12.53 -1.43
C TYR D 168 -45.95 -12.09 -0.80
N ASP D 169 -47.04 -12.36 -1.50
CA ASP D 169 -48.34 -12.03 -0.96
C ASP D 169 -48.67 -13.29 -0.20
N ASN D 170 -49.20 -13.16 1.00
CA ASN D 170 -49.52 -14.35 1.79
C ASN D 170 -50.56 -15.27 1.15
N GLN D 171 -51.27 -14.74 0.16
CA GLN D 171 -52.26 -15.54 -0.54
C GLN D 171 -51.53 -16.61 -1.34
N GLU D 172 -50.23 -16.43 -1.56
CA GLU D 172 -49.46 -17.42 -2.31
C GLU D 172 -48.72 -18.41 -1.44
N ILE D 173 -48.80 -18.22 -0.12
CA ILE D 173 -48.13 -19.10 0.83
C ILE D 173 -49.17 -19.94 1.53
N PRO D 174 -49.24 -21.24 1.20
CA PRO D 174 -50.22 -22.12 1.82
C PRO D 174 -49.98 -22.46 3.27
N ASP D 175 -51.05 -22.87 3.96
CA ASP D 175 -50.91 -23.28 5.36
C ASP D 175 -50.37 -24.69 5.22
N VAL D 176 -49.05 -24.82 5.03
CA VAL D 176 -48.45 -26.12 4.84
C VAL D 176 -48.47 -27.04 6.06
N VAL D 177 -48.54 -28.33 5.77
CA VAL D 177 -48.49 -29.33 6.80
C VAL D 177 -47.07 -29.29 7.39
N LEU D 178 -46.97 -29.16 8.70
CA LEU D 178 -45.69 -29.13 9.38
C LEU D 178 -45.43 -30.52 9.99
N LEU D 179 -46.43 -31.05 10.70
CA LEU D 179 -46.34 -32.38 11.31
C LEU D 179 -47.37 -33.27 10.64
N LYS D 180 -46.92 -34.37 10.03
CA LYS D 180 -47.80 -35.31 9.36
C LYS D 180 -48.53 -36.18 10.38
N SER D 181 -49.67 -36.75 9.98
CA SER D 181 -50.44 -37.56 10.91
C SER D 181 -49.70 -38.78 11.47
N ASP D 182 -48.58 -39.18 10.86
CA ASP D 182 -47.87 -40.32 11.39
C ASP D 182 -46.81 -39.89 12.40
N GLY D 183 -46.89 -38.63 12.82
CA GLY D 183 -45.93 -38.11 13.79
C GLY D 183 -44.62 -37.63 13.18
N TYR D 184 -44.48 -37.81 11.87
CA TYR D 184 -43.29 -37.38 11.14
C TYR D 184 -43.44 -35.93 10.69
N PRO D 185 -42.33 -35.17 10.65
CA PRO D 185 -42.42 -33.77 10.23
C PRO D 185 -42.26 -33.66 8.72
N THR D 186 -42.69 -32.52 8.18
CA THR D 186 -42.50 -32.30 6.75
C THR D 186 -41.18 -31.53 6.66
N TYR D 187 -40.69 -31.39 5.44
CA TYR D 187 -39.45 -30.70 5.18
C TYR D 187 -39.41 -29.27 5.73
N HIS D 188 -40.53 -28.57 5.68
CA HIS D 188 -40.56 -27.20 6.16
C HIS D 188 -40.38 -27.05 7.66
N LEU D 189 -40.84 -28.03 8.40
CA LEU D 189 -40.68 -27.92 9.84
C LEU D 189 -39.24 -28.28 10.20
N ALA D 190 -38.85 -29.49 9.80
CA ALA D 190 -37.52 -30.02 10.10
C ALA D 190 -36.38 -29.10 9.72
N ASN D 191 -36.46 -28.55 8.53
CA ASN D 191 -35.45 -27.63 8.00
C ASN D 191 -35.15 -26.45 8.94
N VAL D 192 -36.20 -25.74 9.33
CA VAL D 192 -36.03 -24.59 10.20
C VAL D 192 -35.58 -24.94 11.61
N VAL D 193 -36.10 -26.04 12.15
CA VAL D 193 -35.73 -26.46 13.50
C VAL D 193 -34.24 -26.84 13.59
N ASP D 194 -33.80 -27.69 12.67
CA ASP D 194 -32.43 -28.15 12.65
C ASP D 194 -31.41 -27.06 12.25
N ASP D 195 -31.73 -26.23 11.26
CA ASP D 195 -30.80 -25.17 10.90
C ASP D 195 -30.58 -24.29 12.14
N HIS D 196 -31.63 -24.03 12.89
CA HIS D 196 -31.52 -23.23 14.10
C HIS D 196 -30.72 -23.96 15.20
N LEU D 197 -31.16 -25.16 15.57
CA LEU D 197 -30.47 -25.93 16.62
C LEU D 197 -29.01 -26.30 16.31
N MET D 198 -28.65 -26.44 15.02
CA MET D 198 -27.28 -26.76 14.62
C MET D 198 -26.46 -25.51 14.34
N GLY D 199 -27.07 -24.34 14.57
CA GLY D 199 -26.39 -23.07 14.38
C GLY D 199 -26.10 -22.56 12.98
N VAL D 200 -26.84 -23.06 11.99
CA VAL D 200 -26.66 -22.67 10.60
C VAL D 200 -26.91 -21.16 10.40
N THR D 201 -25.94 -20.47 9.85
CA THR D 201 -26.07 -19.01 9.64
C THR D 201 -26.18 -18.65 8.18
N ASP D 202 -25.84 -19.59 7.29
CA ASP D 202 -25.88 -19.35 5.86
C ASP D 202 -26.44 -20.53 5.10
N VAL D 203 -27.69 -20.39 4.64
CA VAL D 203 -28.35 -21.44 3.88
C VAL D 203 -28.08 -21.25 2.39
N ILE D 204 -27.28 -22.14 1.81
CA ILE D 204 -26.96 -22.08 0.39
C ILE D 204 -27.61 -23.29 -0.25
N ARG D 205 -28.62 -23.04 -1.06
CA ARG D 205 -29.34 -24.15 -1.65
C ARG D 205 -29.82 -23.87 -3.06
N ALA D 206 -30.29 -24.92 -3.73
CA ALA D 206 -30.79 -24.79 -5.08
C ALA D 206 -32.04 -23.88 -5.21
N GLU D 207 -32.10 -23.15 -6.33
CA GLU D 207 -33.19 -22.23 -6.64
C GLU D 207 -34.54 -22.86 -6.42
N GLU D 208 -34.65 -24.18 -6.57
CA GLU D 208 -35.95 -24.77 -6.41
C GLU D 208 -36.59 -24.51 -5.06
N TRP D 209 -35.80 -24.09 -4.08
CA TRP D 209 -36.34 -23.83 -2.76
C TRP D 209 -36.73 -22.38 -2.52
N LEU D 210 -36.48 -21.51 -3.49
CA LEU D 210 -36.76 -20.12 -3.24
C LEU D 210 -38.22 -19.89 -2.85
N VAL D 211 -39.15 -20.42 -3.62
CA VAL D 211 -40.56 -20.21 -3.33
C VAL D 211 -40.98 -20.68 -1.95
N SER D 212 -40.21 -21.57 -1.35
CA SER D 212 -40.55 -22.06 -0.02
C SER D 212 -39.94 -21.21 1.09
N THR D 213 -38.96 -20.40 0.74
CA THR D 213 -38.32 -19.57 1.74
C THR D 213 -39.32 -18.77 2.58
N PRO D 214 -40.37 -18.16 1.96
CA PRO D 214 -41.35 -17.38 2.73
C PRO D 214 -41.98 -18.25 3.83
N ILE D 215 -42.16 -19.53 3.55
CA ILE D 215 -42.69 -20.43 4.54
C ILE D 215 -41.72 -20.49 5.72
N HIS D 216 -40.44 -20.64 5.40
CA HIS D 216 -39.41 -20.73 6.43
C HIS D 216 -39.22 -19.41 7.16
N VAL D 217 -39.30 -18.31 6.44
CA VAL D 217 -39.17 -16.99 7.05
C VAL D 217 -40.24 -16.83 8.13
N LEU D 218 -41.45 -17.26 7.79
CA LEU D 218 -42.58 -17.20 8.69
C LEU D 218 -42.34 -18.10 9.92
N LEU D 219 -41.81 -19.30 9.72
CA LEU D 219 -41.54 -20.19 10.85
C LEU D 219 -40.51 -19.56 11.81
N TYR D 220 -39.47 -18.92 11.27
CA TYR D 220 -38.48 -18.31 12.13
C TYR D 220 -39.18 -17.26 12.99
N ARG D 221 -40.07 -16.49 12.37
CA ARG D 221 -40.82 -15.47 13.11
C ARG D 221 -41.67 -16.12 14.21
N ALA D 222 -42.47 -17.13 13.85
CA ALA D 222 -43.32 -17.80 14.81
C ALA D 222 -42.53 -18.30 16.04
N PHE D 223 -41.34 -18.86 15.81
CA PHE D 223 -40.52 -19.37 16.90
C PHE D 223 -39.73 -18.27 17.58
N GLY D 224 -39.71 -17.09 16.98
CA GLY D 224 -38.98 -16.00 17.59
C GLY D 224 -37.48 -16.09 17.36
N TRP D 225 -37.07 -16.85 16.36
CA TRP D 225 -35.65 -16.98 16.05
C TRP D 225 -35.21 -16.06 14.92
N GLU D 226 -33.91 -15.79 14.88
CA GLU D 226 -33.27 -14.95 13.87
C GLU D 226 -33.08 -15.83 12.62
N ALA D 227 -33.51 -15.31 11.48
CA ALA D 227 -33.41 -16.04 10.22
C ALA D 227 -32.00 -15.96 9.69
N PRO D 228 -31.53 -17.04 9.05
CA PRO D 228 -30.17 -17.02 8.51
C PRO D 228 -30.15 -16.29 7.17
N ARG D 229 -28.95 -16.10 6.61
CA ARG D 229 -28.85 -15.51 5.28
C ARG D 229 -29.21 -16.66 4.31
N PHE D 230 -29.84 -16.31 3.18
CA PHE D 230 -30.21 -17.28 2.16
C PHE D 230 -29.48 -16.96 0.82
N TYR D 231 -28.92 -17.98 0.18
CA TYR D 231 -28.26 -17.82 -1.11
C TYR D 231 -28.82 -18.94 -1.96
N HIS D 232 -29.62 -18.60 -2.96
CA HIS D 232 -30.20 -19.65 -3.79
C HIS D 232 -29.39 -19.79 -5.07
N MET D 233 -28.87 -20.98 -5.28
CA MET D 233 -28.04 -21.24 -6.46
C MET D 233 -28.91 -21.73 -7.60
N PRO D 234 -28.48 -21.45 -8.85
CA PRO D 234 -29.18 -21.85 -10.10
C PRO D 234 -29.21 -23.37 -10.18
N LEU D 235 -30.19 -23.91 -10.87
CA LEU D 235 -30.32 -25.37 -11.03
C LEU D 235 -29.54 -25.82 -12.26
N LEU D 236 -28.78 -26.93 -12.12
CA LEU D 236 -28.03 -27.47 -13.23
C LEU D 236 -29.12 -27.91 -14.21
N ARG D 237 -28.89 -27.74 -15.50
CA ARG D 237 -29.87 -28.07 -16.52
C ARG D 237 -29.45 -29.17 -17.49
N ASN D 238 -30.43 -29.91 -18.02
CA ASN D 238 -30.16 -30.94 -19.03
C ASN D 238 -29.87 -30.05 -20.25
N PRO D 239 -29.32 -30.61 -21.33
CA PRO D 239 -29.07 -29.70 -22.46
C PRO D 239 -30.34 -29.04 -23.04
N ASP D 240 -31.54 -29.61 -22.81
CA ASP D 240 -32.76 -28.96 -23.28
C ASP D 240 -33.23 -27.89 -22.29
N LYS D 241 -32.36 -27.54 -21.35
CA LYS D 241 -32.61 -26.50 -20.32
C LYS D 241 -33.49 -26.85 -19.10
N THR D 242 -34.10 -28.05 -19.06
CA THR D 242 -34.90 -28.40 -17.90
C THR D 242 -33.93 -28.83 -16.79
N LYS D 243 -34.36 -28.86 -15.52
CA LYS D 243 -33.43 -29.24 -14.49
C LYS D 243 -32.91 -30.67 -14.75
N ILE D 244 -31.59 -30.77 -14.71
CA ILE D 244 -30.90 -32.00 -14.98
C ILE D 244 -31.63 -33.20 -14.38
N SER D 245 -31.80 -34.25 -15.18
CA SER D 245 -32.52 -35.45 -14.74
C SER D 245 -31.89 -36.71 -15.31
N LYS D 246 -32.10 -37.82 -14.60
CA LYS D 246 -31.54 -39.13 -14.95
C LYS D 246 -31.90 -39.67 -16.33
N ARG D 247 -32.99 -39.18 -16.91
CA ARG D 247 -33.41 -39.65 -18.23
C ARG D 247 -32.79 -38.86 -19.37
N LYS D 248 -32.28 -37.66 -19.09
CA LYS D 248 -31.71 -36.84 -20.17
C LYS D 248 -30.24 -36.50 -20.03
N SER D 249 -29.66 -36.81 -18.88
CA SER D 249 -28.26 -36.51 -18.63
C SER D 249 -27.84 -37.51 -17.57
N HIS D 250 -26.55 -37.56 -17.25
CA HIS D 250 -26.10 -38.48 -16.20
C HIS D 250 -26.03 -37.66 -14.94
N THR D 251 -26.78 -38.05 -13.93
CA THR D 251 -26.80 -37.30 -12.69
C THR D 251 -26.13 -38.06 -11.55
N SER D 252 -25.85 -39.34 -11.76
CA SER D 252 -25.21 -40.16 -10.74
C SER D 252 -23.70 -39.98 -10.72
N LEU D 253 -23.16 -39.66 -9.57
CA LEU D 253 -21.73 -39.50 -9.48
C LEU D 253 -21.05 -40.83 -9.73
N ASP D 254 -21.72 -41.95 -9.45
CA ASP D 254 -21.12 -43.27 -9.68
C ASP D 254 -20.84 -43.50 -11.16
N TRP D 255 -21.71 -42.97 -12.02
CA TRP D 255 -21.50 -43.08 -13.46
C TRP D 255 -20.22 -42.33 -13.87
N TYR D 256 -20.02 -41.11 -13.36
CA TYR D 256 -18.82 -40.37 -13.74
C TYR D 256 -17.59 -41.13 -13.25
N LYS D 257 -17.64 -41.63 -12.02
CA LYS D 257 -16.50 -42.39 -11.52
C LYS D 257 -16.29 -43.66 -12.37
N ALA D 258 -17.38 -44.34 -12.75
CA ALA D 258 -17.25 -45.57 -13.55
C ALA D 258 -16.76 -45.30 -14.98
N GLU D 259 -17.01 -44.10 -15.48
CA GLU D 259 -16.60 -43.71 -16.83
C GLU D 259 -15.18 -43.17 -16.90
N GLY D 260 -14.50 -43.14 -15.77
CA GLY D 260 -13.13 -42.69 -15.75
C GLY D 260 -12.89 -41.20 -15.69
N PHE D 261 -13.81 -40.46 -15.07
CA PHE D 261 -13.63 -39.03 -14.91
C PHE D 261 -12.92 -38.88 -13.55
N LEU D 262 -11.93 -37.99 -13.48
CA LEU D 262 -11.19 -37.76 -12.23
C LEU D 262 -12.06 -36.89 -11.35
N PRO D 263 -12.09 -37.15 -10.04
CA PRO D 263 -12.94 -36.31 -9.22
C PRO D 263 -12.48 -34.88 -9.13
N GLU D 264 -11.19 -34.67 -9.36
CA GLU D 264 -10.67 -33.33 -9.29
C GLU D 264 -11.15 -32.55 -10.50
N ALA D 265 -11.28 -33.22 -11.64
CA ALA D 265 -11.73 -32.49 -12.82
C ALA D 265 -13.21 -32.18 -12.69
N LEU D 266 -14.00 -33.15 -12.24
CA LEU D 266 -15.45 -33.01 -12.07
C LEU D 266 -15.77 -31.88 -11.11
N ARG D 267 -14.99 -31.79 -10.05
CA ARG D 267 -15.15 -30.78 -9.03
C ARG D 267 -14.80 -29.43 -9.64
N ASN D 268 -13.67 -29.39 -10.33
CA ASN D 268 -13.25 -28.16 -10.97
C ASN D 268 -14.34 -27.70 -11.95
N TYR D 269 -14.95 -28.64 -12.67
CA TYR D 269 -15.99 -28.27 -13.62
C TYR D 269 -17.23 -27.71 -12.91
N LEU D 270 -17.66 -28.36 -11.84
CA LEU D 270 -18.80 -27.85 -11.10
C LEU D 270 -18.51 -26.41 -10.62
N CYS D 271 -17.26 -26.12 -10.28
CA CYS D 271 -16.90 -24.78 -9.82
C CYS D 271 -17.25 -23.76 -10.90
N LEU D 272 -17.05 -24.11 -12.18
CA LEU D 272 -17.36 -23.18 -13.26
C LEU D 272 -18.84 -23.06 -13.54
N MET D 273 -19.66 -23.89 -12.90
CA MET D 273 -21.11 -23.82 -13.06
C MET D 273 -21.58 -22.72 -12.09
N GLY D 274 -21.56 -21.47 -12.53
CA GLY D 274 -21.99 -20.40 -11.68
C GLY D 274 -20.89 -19.50 -11.17
N PHE D 275 -19.66 -20.00 -11.11
CA PHE D 275 -18.58 -19.16 -10.63
C PHE D 275 -17.47 -19.13 -11.67
N SER D 276 -16.67 -18.07 -11.62
CA SER D 276 -15.55 -17.90 -12.53
C SER D 276 -14.46 -17.13 -11.79
N MET D 277 -13.22 -17.30 -12.20
CA MET D 277 -12.09 -16.61 -11.59
C MET D 277 -11.93 -15.24 -12.21
N PRO D 278 -11.37 -14.28 -11.44
CA PRO D 278 -11.17 -12.92 -11.95
C PRO D 278 -10.29 -12.89 -13.22
N ASP D 279 -9.18 -13.62 -13.20
CA ASP D 279 -8.34 -13.62 -14.40
C ASP D 279 -8.73 -14.66 -15.45
N GLY D 280 -9.97 -15.15 -15.38
CA GLY D 280 -10.44 -16.09 -16.37
C GLY D 280 -9.84 -17.47 -16.42
N ARG D 281 -8.92 -17.81 -15.52
CA ARG D 281 -8.34 -19.16 -15.58
C ARG D 281 -9.40 -20.25 -15.29
N GLU D 282 -9.34 -21.37 -16.00
CA GLU D 282 -10.32 -22.45 -15.83
C GLU D 282 -9.87 -23.67 -15.05
N ILE D 283 -8.56 -23.85 -14.94
CA ILE D 283 -8.01 -24.98 -14.23
C ILE D 283 -7.40 -24.50 -12.93
N PHE D 284 -7.93 -24.97 -11.81
CA PHE D 284 -7.44 -24.57 -10.50
C PHE D 284 -7.91 -25.58 -9.48
N THR D 285 -7.26 -25.53 -8.33
CA THR D 285 -7.52 -26.44 -7.23
C THR D 285 -8.70 -26.03 -6.35
N LEU D 286 -9.14 -26.99 -5.55
CA LEU D 286 -10.19 -26.75 -4.61
C LEU D 286 -9.70 -25.63 -3.68
N GLU D 287 -8.43 -25.65 -3.27
CA GLU D 287 -7.92 -24.59 -2.38
C GLU D 287 -7.98 -23.24 -3.05
N GLU D 288 -7.58 -23.17 -4.32
CA GLU D 288 -7.63 -21.88 -4.99
C GLU D 288 -9.08 -21.36 -5.10
N PHE D 289 -10.02 -22.29 -5.28
CA PHE D 289 -11.44 -21.96 -5.39
C PHE D 289 -11.89 -21.29 -4.10
N ILE D 290 -11.64 -21.93 -2.96
CA ILE D 290 -12.08 -21.29 -1.74
C ILE D 290 -11.38 -19.96 -1.46
N GLN D 291 -10.13 -19.82 -1.86
CA GLN D 291 -9.46 -18.57 -1.59
C GLN D 291 -10.01 -17.47 -2.48
N ALA D 292 -10.44 -17.83 -3.68
CA ALA D 292 -10.95 -16.81 -4.57
C ALA D 292 -12.46 -16.65 -4.51
N PHE D 293 -13.13 -17.49 -3.73
CA PHE D 293 -14.59 -17.40 -3.72
C PHE D 293 -15.19 -16.08 -3.25
N THR D 294 -16.21 -15.61 -3.98
CA THR D 294 -16.94 -14.38 -3.63
C THR D 294 -18.28 -14.45 -4.33
N TRP D 295 -19.33 -14.01 -3.64
CA TRP D 295 -20.66 -14.03 -4.22
C TRP D 295 -20.77 -13.02 -5.37
N GLU D 296 -19.77 -12.15 -5.51
CA GLU D 296 -19.79 -11.18 -6.61
C GLU D 296 -19.50 -11.88 -7.94
N ARG D 297 -18.79 -13.01 -7.90
CA ARG D 297 -18.47 -13.74 -9.13
C ARG D 297 -19.48 -14.84 -9.44
N VAL D 298 -20.56 -14.94 -8.68
CA VAL D 298 -21.56 -15.97 -8.96
C VAL D 298 -22.56 -15.48 -9.97
N SER D 299 -22.81 -16.23 -11.05
CA SER D 299 -23.79 -15.79 -12.06
C SER D 299 -25.05 -16.62 -11.87
N LEU D 300 -26.21 -16.01 -12.14
CA LEU D 300 -27.47 -16.68 -11.91
C LEU D 300 -28.19 -17.41 -13.03
N GLY D 301 -27.59 -17.48 -14.21
CA GLY D 301 -28.25 -18.23 -15.28
C GLY D 301 -28.15 -19.72 -15.01
N GLY D 302 -29.20 -20.49 -15.27
CA GLY D 302 -29.14 -21.93 -15.04
C GLY D 302 -28.18 -22.56 -16.04
N PRO D 303 -27.05 -23.12 -15.59
CA PRO D 303 -26.12 -23.71 -16.54
C PRO D 303 -26.39 -25.13 -17.06
N VAL D 304 -26.13 -25.31 -18.35
CA VAL D 304 -26.30 -26.64 -18.96
C VAL D 304 -25.02 -27.39 -18.63
N PHE D 305 -25.15 -28.56 -18.03
CA PHE D 305 -24.00 -29.38 -17.70
C PHE D 305 -23.62 -29.96 -19.05
N ASP D 306 -22.43 -29.63 -19.52
CA ASP D 306 -21.92 -30.10 -20.82
C ASP D 306 -20.79 -31.16 -20.73
N LEU D 307 -21.15 -32.42 -21.00
CA LEU D 307 -20.22 -33.54 -20.97
C LEU D 307 -18.99 -33.27 -21.80
N GLU D 308 -19.15 -32.47 -22.85
CA GLU D 308 -18.03 -32.18 -23.72
C GLU D 308 -16.99 -31.28 -23.04
N LYS D 309 -17.42 -30.25 -22.33
CA LYS D 309 -16.41 -29.41 -21.66
C LYS D 309 -15.80 -30.23 -20.46
N LEU D 310 -16.64 -31.01 -19.78
CA LEU D 310 -16.17 -31.84 -18.67
C LEU D 310 -15.07 -32.74 -19.22
N ARG D 311 -15.34 -33.42 -20.35
CA ARG D 311 -14.35 -34.28 -20.98
C ARG D 311 -13.07 -33.52 -21.30
N TRP D 312 -13.20 -32.33 -21.88
CA TRP D 312 -12.03 -31.53 -22.19
C TRP D 312 -11.23 -31.30 -20.90
N MET D 313 -11.95 -30.89 -19.87
CA MET D 313 -11.32 -30.59 -18.60
C MET D 313 -10.62 -31.82 -18.04
N ASN D 314 -11.28 -32.98 -18.15
CA ASN D 314 -10.74 -34.22 -17.62
C ASN D 314 -9.44 -34.51 -18.33
N GLY D 315 -9.41 -34.27 -19.64
CA GLY D 315 -8.20 -34.47 -20.42
C GLY D 315 -7.12 -33.48 -20.00
N LYS D 316 -7.55 -32.25 -19.69
CA LYS D 316 -6.60 -31.24 -19.24
C LYS D 316 -5.91 -31.69 -17.94
N TYR D 317 -6.68 -32.27 -17.02
CA TYR D 317 -6.11 -32.72 -15.76
C TYR D 317 -5.10 -33.84 -16.00
N ILE D 318 -5.51 -34.81 -16.78
CA ILE D 318 -4.65 -35.93 -17.10
C ILE D 318 -3.35 -35.48 -17.72
N ARG D 319 -3.38 -34.42 -18.54
CA ARG D 319 -2.13 -34.07 -19.20
C ARG D 319 -1.33 -32.94 -18.53
N GLU D 320 -1.99 -32.13 -17.72
CA GLU D 320 -1.30 -31.02 -17.13
C GLU D 320 -1.34 -30.88 -15.64
N VAL D 321 -2.18 -31.61 -14.94
CA VAL D 321 -2.23 -31.41 -13.50
C VAL D 321 -1.67 -32.55 -12.72
N LEU D 322 -2.08 -33.75 -13.07
CA LEU D 322 -1.58 -34.94 -12.39
C LEU D 322 -0.20 -35.25 -12.93
N SER D 323 0.58 -35.96 -12.13
CA SER D 323 1.89 -36.39 -12.58
C SER D 323 1.68 -37.68 -13.43
N LEU D 324 2.71 -38.05 -14.18
CA LEU D 324 2.69 -39.24 -15.02
C LEU D 324 2.32 -40.43 -14.14
N GLU D 325 3.02 -40.53 -13.01
CA GLU D 325 2.82 -41.59 -12.04
C GLU D 325 1.40 -41.66 -11.51
N GLU D 326 0.80 -40.52 -11.19
CA GLU D 326 -0.56 -40.55 -10.69
C GLU D 326 -1.51 -41.04 -11.78
N VAL D 327 -1.30 -40.62 -13.03
CA VAL D 327 -2.19 -41.10 -14.09
C VAL D 327 -2.01 -42.64 -14.24
N ALA D 328 -0.77 -43.11 -14.18
CA ALA D 328 -0.51 -44.53 -14.33
C ALA D 328 -1.24 -45.31 -13.26
N GLU D 329 -1.26 -44.79 -12.03
CA GLU D 329 -1.95 -45.47 -10.93
C GLU D 329 -3.46 -45.54 -11.15
N ARG D 330 -4.03 -44.43 -11.58
CA ARG D 330 -5.45 -44.31 -11.79
C ARG D 330 -5.99 -45.11 -12.96
N VAL D 331 -5.11 -45.38 -13.90
CA VAL D 331 -5.44 -46.13 -15.09
C VAL D 331 -5.64 -47.64 -14.78
N LYS D 332 -4.97 -48.13 -13.74
CA LYS D 332 -5.03 -49.55 -13.37
C LYS D 332 -6.40 -50.21 -13.22
N PRO D 333 -7.32 -49.59 -12.48
CA PRO D 333 -8.54 -50.40 -12.46
C PRO D 333 -9.28 -50.48 -13.79
N PHE D 334 -9.01 -49.56 -14.71
CA PHE D 334 -9.69 -49.61 -15.99
C PHE D 334 -9.02 -50.67 -16.87
N LEU D 335 -7.73 -50.87 -16.67
CA LEU D 335 -7.05 -51.90 -17.44
C LEU D 335 -7.54 -53.25 -16.87
N ARG D 336 -7.69 -53.34 -15.54
CA ARG D 336 -8.12 -54.59 -14.92
C ARG D 336 -9.53 -54.92 -15.40
N GLU D 337 -10.38 -53.92 -15.39
CA GLU D 337 -11.77 -54.07 -15.83
C GLU D 337 -11.88 -54.49 -17.31
N ALA D 338 -10.91 -54.09 -18.14
CA ALA D 338 -10.93 -54.47 -19.54
C ALA D 338 -10.27 -55.85 -19.73
N GLY D 339 -9.82 -56.45 -18.63
CA GLY D 339 -9.17 -57.74 -18.70
C GLY D 339 -7.74 -57.70 -19.22
N LEU D 340 -7.09 -56.54 -19.11
CA LEU D 340 -5.71 -56.37 -19.58
C LEU D 340 -4.73 -56.25 -18.40
N SER D 341 -3.51 -56.71 -18.60
CA SER D 341 -2.50 -56.61 -17.58
C SER D 341 -1.27 -55.92 -18.19
N TRP D 342 -0.33 -55.49 -17.36
CA TRP D 342 0.88 -54.82 -17.80
C TRP D 342 2.08 -55.61 -17.27
N GLU D 343 3.16 -55.66 -18.03
CA GLU D 343 4.29 -56.47 -17.59
C GLU D 343 5.05 -55.94 -16.39
N SER D 344 5.06 -54.63 -16.22
CA SER D 344 5.80 -54.01 -15.12
C SER D 344 5.37 -52.57 -14.92
N GLU D 345 5.75 -51.99 -13.79
CA GLU D 345 5.40 -50.60 -13.54
C GLU D 345 6.11 -49.74 -14.58
N ALA D 346 7.35 -50.08 -14.88
CA ALA D 346 8.08 -49.30 -15.85
C ALA D 346 7.35 -49.34 -17.19
N TYR D 347 6.85 -50.50 -17.58
CA TYR D 347 6.18 -50.60 -18.87
C TYR D 347 4.91 -49.75 -18.87
N LEU D 348 4.07 -49.94 -17.86
CA LEU D 348 2.85 -49.17 -17.78
C LEU D 348 3.13 -47.66 -17.82
N ARG D 349 4.14 -47.22 -17.09
CA ARG D 349 4.45 -45.80 -17.02
C ARG D 349 4.78 -45.26 -18.40
N ARG D 350 5.56 -46.00 -19.15
CA ARG D 350 5.92 -45.56 -20.47
C ARG D 350 4.69 -45.62 -21.41
N ALA D 351 3.89 -46.65 -21.29
CA ALA D 351 2.74 -46.74 -22.13
C ALA D 351 1.84 -45.52 -21.88
N VAL D 352 1.62 -45.18 -20.61
CA VAL D 352 0.77 -44.05 -20.26
C VAL D 352 1.37 -42.75 -20.75
N GLU D 353 2.68 -42.66 -20.71
CA GLU D 353 3.35 -41.46 -21.17
C GLU D 353 3.11 -41.22 -22.66
N LEU D 354 3.25 -42.26 -23.47
CA LEU D 354 3.06 -42.17 -24.92
C LEU D 354 1.62 -41.81 -25.28
N MET D 355 0.72 -42.20 -24.41
CA MET D 355 -0.69 -42.02 -24.60
C MET D 355 -1.32 -40.81 -23.92
N ARG D 356 -0.58 -40.17 -23.02
CA ARG D 356 -1.14 -39.04 -22.28
C ARG D 356 -1.90 -37.98 -23.10
N PRO D 357 -1.34 -37.56 -24.24
CA PRO D 357 -2.14 -36.57 -24.94
C PRO D 357 -3.25 -37.18 -25.79
N ARG D 358 -3.50 -38.48 -25.65
CA ARG D 358 -4.51 -39.10 -26.50
C ARG D 358 -5.77 -39.68 -25.87
N PHE D 359 -6.01 -39.48 -24.56
CA PHE D 359 -7.26 -39.97 -23.97
C PHE D 359 -7.76 -38.93 -23.01
N ASP D 360 -9.07 -38.71 -23.01
CA ASP D 360 -9.67 -37.70 -22.13
C ASP D 360 -10.32 -38.27 -20.87
N THR D 361 -10.51 -39.60 -20.85
CA THR D 361 -11.05 -40.28 -19.68
C THR D 361 -10.18 -41.53 -19.42
N LEU D 362 -10.15 -42.02 -18.18
CA LEU D 362 -9.34 -43.17 -17.85
C LEU D 362 -9.81 -44.41 -18.60
N LYS D 363 -11.10 -44.44 -18.88
CA LYS D 363 -11.70 -45.57 -19.59
C LYS D 363 -11.20 -45.65 -21.04
N GLU D 364 -10.96 -44.49 -21.65
CA GLU D 364 -10.46 -44.45 -23.02
C GLU D 364 -9.08 -45.06 -23.18
N PHE D 365 -8.24 -45.01 -22.15
CA PHE D 365 -6.88 -45.53 -22.25
C PHE D 365 -6.74 -46.99 -22.69
N PRO D 366 -7.43 -47.92 -22.03
CA PRO D 366 -7.32 -49.32 -22.44
C PRO D 366 -7.95 -49.56 -23.83
N GLU D 367 -8.91 -48.72 -24.20
CA GLU D 367 -9.56 -48.86 -25.50
C GLU D 367 -8.60 -48.44 -26.62
N LYS D 368 -8.09 -47.23 -26.51
CA LYS D 368 -7.19 -46.68 -27.50
C LYS D 368 -5.76 -47.27 -27.50
N ALA D 369 -5.33 -47.89 -26.40
CA ALA D 369 -3.98 -48.45 -26.33
C ALA D 369 -3.98 -49.97 -26.12
N ARG D 370 -5.08 -50.61 -26.48
CA ARG D 370 -5.23 -52.05 -26.30
C ARG D 370 -4.02 -52.83 -26.83
N TYR D 371 -3.54 -52.41 -28.00
CA TYR D 371 -2.43 -53.04 -28.69
C TYR D 371 -1.15 -53.04 -27.89
N LEU D 372 -1.03 -52.10 -26.97
CA LEU D 372 0.14 -52.03 -26.11
C LEU D 372 0.14 -53.09 -25.01
N PHE D 373 -1.01 -53.70 -24.71
CA PHE D 373 -1.06 -54.70 -23.62
C PHE D 373 -1.49 -56.11 -24.01
N THR D 374 -1.98 -56.27 -25.23
CA THR D 374 -2.44 -57.58 -25.64
C THR D 374 -2.26 -57.80 -27.12
N GLU D 375 -2.29 -59.07 -27.51
CA GLU D 375 -2.18 -59.48 -28.90
C GLU D 375 -3.61 -59.46 -29.47
N ASP D 376 -4.59 -59.32 -28.58
CA ASP D 376 -6.02 -59.30 -28.92
C ASP D 376 -6.55 -57.87 -29.19
N TYR D 377 -6.11 -57.29 -30.31
CA TYR D 377 -6.51 -55.94 -30.66
C TYR D 377 -7.10 -55.88 -32.07
N PRO D 378 -7.94 -54.86 -32.36
CA PRO D 378 -8.56 -54.75 -33.67
C PRO D 378 -7.69 -54.08 -34.72
N VAL D 379 -7.97 -54.40 -35.98
CA VAL D 379 -7.24 -53.83 -37.10
C VAL D 379 -8.26 -53.06 -37.91
N SER D 380 -8.04 -51.77 -38.08
CA SER D 380 -8.97 -50.97 -38.85
C SER D 380 -8.83 -51.26 -40.33
N GLU D 381 -9.89 -50.99 -41.07
CA GLU D 381 -9.88 -51.20 -42.51
C GLU D 381 -8.75 -50.38 -43.09
N LYS D 382 -8.75 -49.09 -42.79
CA LYS D 382 -7.73 -48.19 -43.30
C LYS D 382 -6.32 -48.67 -42.95
N ALA D 383 -6.13 -49.22 -41.74
CA ALA D 383 -4.80 -49.71 -41.36
C ALA D 383 -4.46 -50.94 -42.21
N GLN D 384 -5.44 -51.84 -42.35
CA GLN D 384 -5.31 -53.05 -43.16
C GLN D 384 -4.87 -52.69 -44.59
N ARG D 385 -5.50 -51.69 -45.19
CA ARG D 385 -5.16 -51.28 -46.54
C ARG D 385 -3.79 -50.68 -46.65
N LYS D 386 -3.37 -49.94 -45.62
CA LYS D 386 -2.04 -49.32 -45.64
C LYS D 386 -0.99 -50.39 -45.55
N LEU D 387 -1.33 -51.44 -44.82
CA LEU D 387 -0.42 -52.56 -44.64
C LEU D 387 -0.24 -53.30 -45.97
N GLU D 388 -1.34 -53.60 -46.65
CA GLU D 388 -1.28 -54.31 -47.93
C GLU D 388 -0.49 -53.50 -48.94
N GLU D 389 -0.75 -52.21 -48.99
CA GLU D 389 -0.06 -51.33 -49.91
C GLU D 389 1.45 -51.29 -49.65
N GLY D 390 1.85 -51.37 -48.37
CA GLY D 390 3.27 -51.31 -48.05
C GLY D 390 4.01 -52.63 -47.80
N LEU D 391 3.32 -53.74 -48.01
CA LEU D 391 3.89 -55.06 -47.80
C LEU D 391 5.24 -55.26 -48.46
N PRO D 392 5.42 -54.83 -49.72
CA PRO D 392 6.73 -55.04 -50.33
C PRO D 392 7.84 -54.23 -49.67
N LEU D 393 7.57 -52.98 -49.29
CA LEU D 393 8.63 -52.24 -48.59
C LEU D 393 8.90 -52.93 -47.24
N LEU D 394 7.84 -53.35 -46.55
CA LEU D 394 8.02 -54.00 -45.26
C LEU D 394 8.86 -55.27 -45.36
N LYS D 395 8.59 -56.10 -46.35
CA LYS D 395 9.37 -57.33 -46.49
C LYS D 395 10.84 -57.02 -46.72
N GLU D 396 11.14 -55.87 -47.31
CA GLU D 396 12.52 -55.49 -47.53
C GLU D 396 13.07 -54.82 -46.28
N LEU D 397 12.20 -54.33 -45.44
CA LEU D 397 12.68 -53.69 -44.23
C LEU D 397 13.00 -54.77 -43.19
N TYR D 398 12.18 -55.80 -43.17
CA TYR D 398 12.32 -56.86 -42.18
C TYR D 398 13.74 -57.34 -41.92
N PRO D 399 14.48 -57.73 -42.95
CA PRO D 399 15.84 -58.20 -42.69
C PRO D 399 16.69 -57.12 -42.00
N ARG D 400 16.49 -55.85 -42.34
CA ARG D 400 17.30 -54.83 -41.70
C ARG D 400 16.98 -54.73 -40.21
N LEU D 401 15.72 -54.92 -39.88
CA LEU D 401 15.35 -54.85 -38.48
C LEU D 401 15.84 -56.10 -37.78
N ARG D 402 15.86 -57.23 -38.47
CA ARG D 402 16.27 -58.46 -37.85
C ARG D 402 17.74 -58.42 -37.45
N ALA D 403 18.53 -57.63 -38.16
CA ALA D 403 19.94 -57.53 -37.85
C ALA D 403 20.30 -56.30 -37.02
N GLN D 404 19.34 -55.43 -36.71
CA GLN D 404 19.64 -54.23 -35.91
C GLN D 404 20.00 -54.63 -34.48
N GLU D 405 21.22 -54.32 -34.07
CA GLU D 405 21.66 -54.69 -32.74
C GLU D 405 21.18 -53.67 -31.69
N GLU D 406 21.21 -52.39 -32.05
CA GLU D 406 20.80 -51.33 -31.14
C GLU D 406 19.31 -50.94 -31.31
N TRP D 407 18.45 -51.51 -30.48
CA TRP D 407 17.01 -51.25 -30.55
C TRP D 407 16.57 -50.11 -29.67
N THR D 408 16.80 -48.89 -30.15
CA THR D 408 16.45 -47.66 -29.46
C THR D 408 15.81 -46.69 -30.45
N GLU D 409 15.12 -45.69 -29.91
CA GLU D 409 14.47 -44.69 -30.74
C GLU D 409 15.45 -44.01 -31.71
N ALA D 410 16.61 -43.62 -31.22
CA ALA D 410 17.58 -42.94 -32.07
C ALA D 410 18.06 -43.82 -33.22
N ALA D 411 18.62 -44.97 -32.89
CA ALA D 411 19.10 -45.86 -33.93
C ALA D 411 17.97 -46.30 -34.88
N LEU D 412 16.79 -46.59 -34.34
CA LEU D 412 15.68 -47.02 -35.15
C LEU D 412 15.25 -45.86 -36.06
N GLU D 413 15.36 -44.63 -35.58
CA GLU D 413 14.99 -43.51 -36.44
C GLU D 413 16.01 -43.39 -37.56
N ALA D 414 17.28 -43.45 -37.22
CA ALA D 414 18.32 -43.37 -38.25
C ALA D 414 18.15 -44.52 -39.27
N LEU D 415 17.89 -45.74 -38.78
CA LEU D 415 17.72 -46.88 -39.68
C LEU D 415 16.53 -46.71 -40.64
N LEU D 416 15.42 -46.19 -40.15
CA LEU D 416 14.26 -46.03 -41.02
C LEU D 416 14.36 -44.86 -42.00
N ARG D 417 15.01 -43.77 -41.61
CA ARG D 417 15.16 -42.66 -42.54
C ARG D 417 16.18 -43.06 -43.62
N GLY D 418 17.21 -43.81 -43.21
CA GLY D 418 18.20 -44.23 -44.17
C GLY D 418 17.55 -45.20 -45.15
N PHE D 419 16.74 -46.11 -44.62
CA PHE D 419 16.08 -47.09 -45.47
C PHE D 419 15.20 -46.41 -46.49
N ALA D 420 14.37 -45.49 -46.02
CA ALA D 420 13.48 -44.73 -46.91
C ALA D 420 14.27 -43.98 -47.99
N ALA D 421 15.34 -43.30 -47.58
CA ALA D 421 16.15 -42.55 -48.54
C ALA D 421 16.72 -43.51 -49.58
N GLU D 422 17.34 -44.58 -49.09
CA GLU D 422 17.93 -45.60 -49.94
C GLU D 422 16.94 -46.11 -50.96
N LYS D 423 15.66 -46.02 -50.64
CA LYS D 423 14.66 -46.52 -51.54
C LYS D 423 13.93 -45.40 -52.26
N GLY D 424 14.44 -44.18 -52.09
CA GLY D 424 13.84 -43.01 -52.72
C GLY D 424 12.36 -42.87 -52.40
N VAL D 425 12.04 -43.01 -51.13
CA VAL D 425 10.68 -42.95 -50.64
C VAL D 425 10.58 -42.03 -49.42
N LYS D 426 9.37 -41.50 -49.16
CA LYS D 426 9.16 -40.64 -47.99
C LYS D 426 9.05 -41.56 -46.74
N LEU D 427 9.60 -41.14 -45.59
CA LEU D 427 9.50 -41.96 -44.36
C LEU D 427 8.06 -42.42 -44.13
N GLY D 428 7.12 -41.48 -44.23
CA GLY D 428 5.72 -41.80 -44.03
C GLY D 428 5.32 -43.03 -44.81
N GLN D 429 5.94 -43.22 -45.97
CA GLN D 429 5.63 -44.37 -46.79
C GLN D 429 6.09 -45.70 -46.15
N VAL D 430 7.05 -45.59 -45.24
CA VAL D 430 7.58 -46.75 -44.53
C VAL D 430 6.99 -46.79 -43.12
N ALA D 431 6.94 -45.62 -42.49
CA ALA D 431 6.42 -45.50 -41.14
C ALA D 431 4.93 -45.87 -41.01
N GLN D 432 4.10 -45.38 -41.92
CA GLN D 432 2.67 -45.68 -41.85
C GLN D 432 2.35 -47.16 -41.96
N PRO D 433 2.85 -47.84 -42.99
CA PRO D 433 2.53 -49.28 -43.05
C PRO D 433 3.08 -50.05 -41.83
N LEU D 434 4.26 -49.66 -41.37
CA LEU D 434 4.82 -50.31 -40.20
C LEU D 434 3.94 -50.05 -38.93
N ARG D 435 3.39 -48.84 -38.83
CA ARG D 435 2.53 -48.48 -37.71
C ARG D 435 1.33 -49.45 -37.73
N ALA D 436 0.75 -49.64 -38.91
CA ALA D 436 -0.40 -50.55 -39.07
C ALA D 436 -0.05 -51.98 -38.64
N ALA D 437 1.15 -52.46 -39.02
CA ALA D 437 1.55 -53.82 -38.67
C ALA D 437 1.77 -54.02 -37.16
N LEU D 438 2.30 -53.00 -36.50
CA LEU D 438 2.56 -53.08 -35.07
C LEU D 438 1.38 -52.74 -34.17
N THR D 439 0.39 -52.00 -34.68
CA THR D 439 -0.71 -51.59 -33.81
C THR D 439 -2.12 -51.91 -34.26
N GLY D 440 -2.31 -52.13 -35.55
CA GLY D 440 -3.63 -52.44 -36.07
C GLY D 440 -4.35 -51.12 -36.28
N SER D 441 -3.60 -50.03 -36.19
CA SER D 441 -4.14 -48.69 -36.32
C SER D 441 -3.23 -47.65 -37.02
N LEU D 442 -3.85 -46.58 -37.50
CA LEU D 442 -3.12 -45.51 -38.14
C LEU D 442 -3.15 -44.23 -37.28
N GLU D 443 -3.80 -44.29 -36.10
CA GLU D 443 -3.89 -43.14 -35.17
C GLU D 443 -3.17 -43.62 -33.90
N THR D 444 -1.88 -43.30 -33.83
CA THR D 444 -1.00 -43.82 -32.77
C THR D 444 0.09 -42.85 -32.27
N PRO D 445 0.82 -43.22 -31.20
CA PRO D 445 1.87 -42.27 -30.81
C PRO D 445 3.04 -42.41 -31.80
N GLY D 446 4.18 -41.78 -31.48
CA GLY D 446 5.33 -41.82 -32.36
C GLY D 446 5.78 -43.20 -32.79
N LEU D 447 6.17 -43.33 -34.05
CA LEU D 447 6.60 -44.62 -34.57
C LEU D 447 7.80 -45.22 -33.85
N PHE D 448 8.85 -44.42 -33.68
CA PHE D 448 10.08 -44.88 -33.03
C PHE D 448 9.91 -45.23 -31.55
N GLU D 449 9.05 -44.54 -30.82
CA GLU D 449 8.89 -44.93 -29.43
C GLU D 449 8.01 -46.16 -29.35
N ILE D 450 7.09 -46.28 -30.31
CA ILE D 450 6.18 -47.40 -30.39
C ILE D 450 6.97 -48.65 -30.85
N LEU D 451 7.94 -48.44 -31.73
CA LEU D 451 8.74 -49.55 -32.21
C LEU D 451 9.72 -49.96 -31.12
N ALA D 452 10.21 -48.99 -30.36
CA ALA D 452 11.17 -49.27 -29.31
C ALA D 452 10.58 -49.81 -27.98
N LEU D 453 9.35 -49.43 -27.66
CA LEU D 453 8.72 -49.86 -26.39
C LEU D 453 8.67 -51.36 -26.08
N LEU D 454 8.33 -52.19 -27.06
CA LEU D 454 8.25 -53.61 -26.78
C LEU D 454 9.55 -54.39 -26.86
N GLY D 455 10.58 -53.81 -27.44
CA GLY D 455 11.83 -54.54 -27.57
C GLY D 455 11.90 -55.21 -28.92
N LYS D 456 13.10 -55.53 -29.35
CA LYS D 456 13.28 -56.16 -30.66
C LYS D 456 12.41 -57.40 -30.96
N GLU D 457 12.56 -58.45 -30.16
CA GLU D 457 11.83 -59.68 -30.43
C GLU D 457 10.32 -59.54 -30.53
N ARG D 458 9.74 -58.84 -29.58
CA ARG D 458 8.30 -58.67 -29.57
C ARG D 458 7.84 -57.88 -30.80
N ALA D 459 8.64 -56.91 -31.23
CA ALA D 459 8.28 -56.14 -32.42
C ALA D 459 8.32 -57.07 -33.66
N LEU D 460 9.40 -57.82 -33.82
CA LEU D 460 9.53 -58.73 -34.95
C LEU D 460 8.40 -59.74 -35.03
N ARG D 461 8.03 -60.34 -33.89
CA ARG D 461 6.94 -61.32 -33.89
C ARG D 461 5.68 -60.71 -34.49
N ARG D 462 5.34 -59.50 -34.08
CA ARG D 462 4.15 -58.84 -34.66
C ARG D 462 4.34 -58.56 -36.14
N LEU D 463 5.51 -58.03 -36.48
CA LEU D 463 5.82 -57.71 -37.86
C LEU D 463 5.74 -58.97 -38.69
N GLU D 464 6.18 -60.11 -38.14
CA GLU D 464 6.10 -61.37 -38.89
C GLU D 464 4.67 -61.79 -39.14
N ARG D 465 3.82 -61.70 -38.11
CA ARG D 465 2.41 -62.06 -38.26
C ARG D 465 1.74 -61.25 -39.38
N ALA D 466 2.13 -59.99 -39.52
CA ALA D 466 1.53 -59.14 -40.52
C ALA D 466 2.06 -59.41 -41.91
N LEU D 467 3.27 -59.91 -42.01
CA LEU D 467 3.86 -60.20 -43.31
C LEU D 467 3.57 -61.63 -43.72
N ALA D 468 3.01 -62.40 -42.79
CA ALA D 468 2.72 -63.81 -43.04
C ALA D 468 1.59 -63.99 -44.03
MG MG E . 26.46 60.26 -10.57
MG MG F . -18.20 -12.48 -32.15
N GLU G . 8.69 37.21 19.99
CA GLU G . 8.83 38.51 19.30
C GLU G . 9.43 38.24 17.94
O GLU G . 8.65 37.92 17.01
CB GLU G . 9.74 39.44 20.14
CG GLU G . 9.92 40.84 19.55
CD GLU G . 10.31 41.87 20.60
OE1 GLU G . 9.43 42.43 21.31
OE2 GLU G . 11.51 42.09 20.73
OXT GLU G . 10.66 38.34 17.80
N GLU H . -33.29 -31.99 2.12
CA GLU H . -33.39 -30.87 1.14
C GLU H . -32.70 -31.25 -0.17
O GLU H . -33.06 -32.32 -0.73
CB GLU H . -32.76 -29.61 1.74
CG GLU H . -33.09 -28.35 1.02
CD GLU H . -32.51 -27.14 1.70
OE1 GLU H . -33.19 -26.56 2.57
OE2 GLU H . -31.34 -26.78 1.39
OXT GLU H . -31.82 -30.52 -0.65
#